data_5ET1
#
_entry.id   5ET1
#
_cell.length_a   72.740
_cell.length_b   71.142
_cell.length_c   76.883
_cell.angle_alpha   90.00
_cell.angle_beta   96.88
_cell.angle_gamma   90.00
#
_symmetry.space_group_name_H-M   'P 1 21 1'
#
loop_
_entity.id
_entity.type
_entity.pdbx_description
1 polymer Espin
2 polymer Myosin-IIIb
3 non-polymer GLYCEROL
4 water water
#
loop_
_entity_poly.entity_id
_entity_poly.type
_entity_poly.pdbx_seq_one_letter_code
_entity_poly.pdbx_strand_id
1 'polypeptide(L)'
;AMALEQALQAARRGDLDVLRSLHAAGLLGPSLRDSLDALPVHHAARSGKLHCLRYLVEEVALPAVSRARNGATPAHDAAA
TGYLSCLQWLLTQGGCRVQEKDNSGATVLHLAARFGHPDVVKWLLYQGGANSAITTDTGALPIHYAAAKGDLPSLKLLVG
HYPEGVNAQTNNGATPLYLACQEGHLEVTKYLVQECSADPHLRAQDGMTPLHAAAQMGHNPVLVWLVSFADVSFSEQDHD
GATAMHFAASRGHTKVLSWLLLHGAEISQDLWGGTPLHDAAENGELECCQILAVNGAGLDVRDHDGYTAADLAEFNGHTH
CSRYLRTVQTLSLEHRVLSRDQSMDLEAKQLDS
;
A,B
2 'polypeptide(L)' QKQRAPRRRCQQPKMLSSPEDTMYYNQLNGTLEYQG C,D
#
loop_
_chem_comp.id
_chem_comp.type
_chem_comp.name
_chem_comp.formula
GOL non-polymer GLYCEROL 'C3 H8 O3'
#
# COMPACT_ATOMS: atom_id res chain seq x y z
N ALA A 1 -9.65 16.29 6.18
CA ALA A 1 -8.19 16.22 6.22
C ALA A 1 -7.65 17.09 7.35
N MET A 2 -8.40 18.13 7.69
CA MET A 2 -7.96 19.03 8.76
C MET A 2 -8.12 18.37 10.13
N ALA A 3 -9.24 17.70 10.37
CA ALA A 3 -9.39 16.95 11.60
C ALA A 3 -8.28 15.90 11.73
N LEU A 4 -7.90 15.27 10.62
CA LEU A 4 -6.88 14.23 10.68
C LEU A 4 -5.54 14.81 11.15
N GLU A 5 -5.08 15.88 10.52
CA GLU A 5 -3.80 16.47 10.90
C GLU A 5 -3.83 16.98 12.34
N GLN A 6 -4.95 17.59 12.75
CA GLN A 6 -5.07 18.05 14.13
C GLN A 6 -5.00 16.89 15.11
N ALA A 7 -5.64 15.76 14.78
CA ALA A 7 -5.66 14.61 15.69
C ALA A 7 -4.28 13.99 15.80
N LEU A 8 -3.61 13.76 14.68
CA LEU A 8 -2.31 13.11 14.72
C LEU A 8 -1.28 13.99 15.41
N GLN A 9 -1.30 15.30 15.11
CA GLN A 9 -0.36 16.21 15.77
C GLN A 9 -0.61 16.26 17.27
N ALA A 10 -1.88 16.31 17.69
CA ALA A 10 -2.17 16.36 19.12
C ALA A 10 -1.74 15.08 19.81
N ALA A 11 -1.95 13.94 19.16
CA ALA A 11 -1.54 12.68 19.76
C ALA A 11 -0.03 12.61 19.94
N ARG A 12 0.73 13.09 18.95
CA ARG A 12 2.20 13.10 19.07
C ARG A 12 2.68 14.11 20.11
N ARG A 13 2.01 15.26 20.21
CA ARG A 13 2.41 16.30 21.16
C ARG A 13 1.92 16.05 22.58
N GLY A 14 1.02 15.10 22.80
CA GLY A 14 0.41 14.96 24.11
C GLY A 14 -0.64 16.01 24.40
N ASP A 15 -1.23 16.62 23.37
CA ASP A 15 -2.20 17.69 23.53
C ASP A 15 -3.58 17.10 23.76
N LEU A 16 -3.82 16.68 25.01
CA LEU A 16 -5.06 15.98 25.33
C LEU A 16 -6.28 16.88 25.18
N ASP A 17 -6.14 18.18 25.42
CA ASP A 17 -7.27 19.07 25.29
C ASP A 17 -7.78 19.12 23.85
N VAL A 18 -6.86 19.10 22.88
CA VAL A 18 -7.29 19.09 21.48
C VAL A 18 -7.99 17.78 21.14
N LEU A 19 -7.48 16.65 21.65
CA LEU A 19 -8.18 15.38 21.40
C LEU A 19 -9.58 15.39 22.00
N ARG A 20 -9.73 15.96 23.20
CA ARG A 20 -11.04 16.05 23.81
C ARG A 20 -11.98 16.89 22.97
N SER A 21 -11.48 18.00 22.42
CA SER A 21 -12.30 18.86 21.59
C SER A 21 -12.73 18.17 20.30
N LEU A 22 -11.80 17.44 19.68
CA LEU A 22 -12.13 16.69 18.47
C LEU A 22 -13.15 15.60 18.76
N HIS A 23 -12.99 14.91 19.90
CA HIS A 23 -13.96 13.89 20.29
C HIS A 23 -15.34 14.50 20.53
N ALA A 24 -15.40 15.65 21.20
CA ALA A 24 -16.69 16.30 21.44
C ALA A 24 -17.40 16.65 20.13
N ALA A 25 -16.63 16.98 19.10
CA ALA A 25 -17.18 17.36 17.80
C ALA A 25 -17.47 16.15 16.91
N GLY A 26 -17.26 14.93 17.41
CA GLY A 26 -17.54 13.75 16.63
C GLY A 26 -16.53 13.45 15.54
N LEU A 27 -15.32 14.00 15.66
CA LEU A 27 -14.33 13.99 14.59
C LEU A 27 -13.25 12.92 14.76
N LEU A 28 -13.34 12.11 15.80
CA LEU A 28 -12.40 11.01 16.00
C LEU A 28 -13.10 9.69 15.72
N GLY A 29 -12.43 8.79 15.04
CA GLY A 29 -13.01 7.51 14.73
C GLY A 29 -12.01 6.58 14.08
N PRO A 30 -12.42 5.32 13.89
CA PRO A 30 -11.47 4.30 13.42
C PRO A 30 -11.12 4.38 11.95
N SER A 31 -11.75 5.28 11.17
CA SER A 31 -11.35 5.48 9.78
CA SER A 31 -11.37 5.50 9.78
C SER A 31 -10.43 6.69 9.62
N LEU A 32 -10.16 7.42 10.69
CA LEU A 32 -9.35 8.64 10.66
C LEU A 32 -7.88 8.27 10.73
N ARG A 33 -7.34 7.83 9.60
CA ARG A 33 -6.00 7.26 9.56
C ARG A 33 -5.09 8.04 8.62
N ASP A 34 -3.78 7.93 8.87
CA ASP A 34 -2.81 8.53 7.96
C ASP A 34 -2.60 7.63 6.75
N SER A 35 -1.66 8.03 5.88
CA SER A 35 -1.47 7.34 4.61
C SER A 35 -0.90 5.94 4.77
N LEU A 36 -0.41 5.60 5.96
CA LEU A 36 0.02 4.25 6.28
C LEU A 36 -0.98 3.53 7.17
N ASP A 37 -2.23 4.01 7.24
CA ASP A 37 -3.32 3.41 8.01
C ASP A 37 -3.08 3.42 9.51
N ALA A 38 -2.19 4.29 10.00
CA ALA A 38 -1.99 4.43 11.44
C ALA A 38 -3.02 5.40 12.01
N LEU A 39 -3.52 5.06 13.20
CA LEU A 39 -4.51 5.88 13.90
C LEU A 39 -3.84 6.80 14.89
N PRO A 40 -4.59 7.76 15.47
CA PRO A 40 -4.05 8.54 16.59
C PRO A 40 -3.50 7.68 17.72
N VAL A 41 -4.01 6.46 17.92
CA VAL A 41 -3.44 5.62 18.97
C VAL A 41 -1.99 5.26 18.65
N HIS A 42 -1.69 4.96 17.38
CA HIS A 42 -0.30 4.73 16.98
C HIS A 42 0.56 5.95 17.25
N HIS A 43 0.07 7.13 16.88
CA HIS A 43 0.87 8.34 17.02
C HIS A 43 1.11 8.71 18.48
N ALA A 44 0.14 8.46 19.36
CA ALA A 44 0.41 8.62 20.79
C ALA A 44 1.42 7.61 21.28
N ALA A 45 1.28 6.34 20.88
CA ALA A 45 2.15 5.31 21.42
C ALA A 45 3.59 5.48 20.96
N ARG A 46 3.79 5.84 19.69
CA ARG A 46 5.14 6.03 19.16
C ARG A 46 5.80 7.28 19.72
N SER A 47 5.03 8.12 20.42
CA SER A 47 5.54 9.37 20.97
C SER A 47 5.59 9.33 22.50
N GLY A 48 5.23 8.21 23.11
CA GLY A 48 5.27 8.06 24.55
C GLY A 48 4.21 8.83 25.30
N LYS A 49 3.13 9.23 24.61
CA LYS A 49 2.09 10.05 25.22
C LYS A 49 1.00 9.14 25.81
N LEU A 50 1.31 8.61 26.99
CA LEU A 50 0.47 7.57 27.59
C LEU A 50 -0.92 8.11 27.95
N HIS A 51 -0.99 9.35 28.46
CA HIS A 51 -2.30 9.90 28.81
C HIS A 51 -3.19 10.05 27.59
N CYS A 52 -2.62 10.48 26.45
CA CYS A 52 -3.40 10.56 25.22
C CYS A 52 -3.77 9.18 24.69
N LEU A 53 -2.84 8.23 24.75
CA LEU A 53 -3.13 6.85 24.34
C LEU A 53 -4.30 6.28 25.14
N ARG A 54 -4.28 6.49 26.46
CA ARG A 54 -5.36 5.97 27.30
C ARG A 54 -6.68 6.66 26.97
N TYR A 55 -6.65 7.96 26.73
CA TYR A 55 -7.89 8.66 26.39
C TYR A 55 -8.46 8.10 25.10
N LEU A 56 -7.61 7.90 24.09
CA LEU A 56 -8.09 7.46 22.79
C LEU A 56 -8.65 6.04 22.86
N VAL A 57 -8.03 5.17 23.66
CA VAL A 57 -8.51 3.79 23.78
C VAL A 57 -9.69 3.71 24.74
N GLU A 58 -9.55 4.30 25.93
CA GLU A 58 -10.55 4.10 26.99
C GLU A 58 -11.83 4.90 26.73
N GLU A 59 -11.71 6.12 26.25
CA GLU A 59 -12.85 7.02 26.13
C GLU A 59 -13.37 7.10 24.71
N VAL A 60 -12.48 7.31 23.74
CA VAL A 60 -12.88 7.41 22.34
C VAL A 60 -13.17 6.05 21.72
N ALA A 61 -12.64 4.98 22.31
CA ALA A 61 -12.86 3.60 21.90
C ALA A 61 -12.15 3.26 20.59
N LEU A 62 -11.04 3.96 20.28
CA LEU A 62 -10.17 3.50 19.20
C LEU A 62 -9.48 2.21 19.64
N PRO A 63 -9.43 1.18 18.78
CA PRO A 63 -8.98 -0.13 19.27
C PRO A 63 -7.49 -0.14 19.58
N ALA A 64 -7.14 -0.71 20.73
CA ALA A 64 -5.74 -0.81 21.10
C ALA A 64 -4.96 -1.74 20.17
N VAL A 65 -5.65 -2.67 19.50
CA VAL A 65 -5.00 -3.63 18.62
CA VAL A 65 -4.97 -3.61 18.62
C VAL A 65 -5.17 -3.24 17.15
N SER A 66 -5.48 -1.98 16.87
CA SER A 66 -5.59 -1.52 15.49
CA SER A 66 -5.60 -1.58 15.48
C SER A 66 -4.26 -1.70 14.77
N ARG A 67 -4.32 -1.91 13.45
CA ARG A 67 -3.12 -2.23 12.68
C ARG A 67 -2.89 -1.23 11.55
N ALA A 68 -1.64 -0.77 11.44
CA ALA A 68 -1.20 0.02 10.31
C ALA A 68 -1.01 -0.88 9.08
N ARG A 69 -0.56 -0.26 7.97
CA ARG A 69 -0.52 -0.95 6.68
C ARG A 69 0.34 -2.21 6.73
N ASN A 70 1.43 -2.18 7.48
CA ASN A 70 2.31 -3.34 7.59
C ASN A 70 1.91 -4.27 8.73
N GLY A 71 0.75 -4.05 9.33
CA GLY A 71 0.30 -4.88 10.44
C GLY A 71 0.72 -4.41 11.82
N ALA A 72 1.48 -3.31 11.94
CA ALA A 72 1.93 -2.83 13.23
C ALA A 72 0.77 -2.31 14.08
N THR A 73 0.69 -2.79 15.32
CA THR A 73 -0.23 -2.24 16.32
C THR A 73 0.46 -1.11 17.06
N PRO A 74 -0.29 -0.35 17.87
CA PRO A 74 0.37 0.66 18.71
C PRO A 74 1.42 0.06 19.63
N ALA A 75 1.28 -1.22 20.02
CA ALA A 75 2.33 -1.84 20.83
C ALA A 75 3.61 -2.02 20.02
N HIS A 76 3.48 -2.41 18.74
CA HIS A 76 4.67 -2.46 17.89
C HIS A 76 5.33 -1.09 17.78
N ASP A 77 4.53 -0.03 17.58
CA ASP A 77 5.09 1.32 17.54
C ASP A 77 5.85 1.65 18.82
N ALA A 78 5.24 1.34 19.97
CA ALA A 78 5.86 1.67 21.25
C ALA A 78 7.14 0.88 21.47
N ALA A 79 7.16 -0.41 21.10
CA ALA A 79 8.36 -1.20 21.28
C ALA A 79 9.48 -0.70 20.38
N ALA A 80 9.16 -0.34 19.14
CA ALA A 80 10.17 0.13 18.19
C ALA A 80 10.75 1.47 18.61
N THR A 81 9.95 2.34 19.23
CA THR A 81 10.43 3.65 19.64
C THR A 81 10.96 3.66 21.07
N GLY A 82 10.79 2.56 21.81
CA GLY A 82 11.34 2.45 23.14
C GLY A 82 10.48 2.99 24.27
N TYR A 83 9.22 3.32 24.00
CA TYR A 83 8.36 3.94 25.01
C TYR A 83 7.71 2.84 25.81
N LEU A 84 8.44 2.40 26.84
CA LEU A 84 8.07 1.23 27.63
C LEU A 84 6.75 1.45 28.39
N SER A 85 6.51 2.67 28.85
CA SER A 85 5.27 2.95 29.58
C SER A 85 4.05 2.67 28.71
N CYS A 86 4.08 3.13 27.46
CA CYS A 86 2.97 2.87 26.56
C CYS A 86 2.85 1.39 26.25
N LEU A 87 3.99 0.72 26.00
CA LEU A 87 3.96 -0.70 25.69
C LEU A 87 3.37 -1.50 26.84
N GLN A 88 3.78 -1.19 28.06
CA GLN A 88 3.27 -1.92 29.22
C GLN A 88 1.78 -1.72 29.39
N TRP A 89 1.30 -0.50 29.19
CA TRP A 89 -0.13 -0.26 29.33
C TRP A 89 -0.92 -1.06 28.29
N LEU A 90 -0.45 -1.06 27.04
CA LEU A 90 -1.15 -1.76 25.97
C LEU A 90 -1.20 -3.26 26.21
N LEU A 91 -0.11 -3.84 26.72
CA LEU A 91 -0.03 -5.27 26.98
C LEU A 91 -0.78 -5.69 28.23
N THR A 92 -1.18 -4.76 29.09
CA THR A 92 -1.91 -5.14 30.29
C THR A 92 -3.34 -4.64 30.17
N GLN A 93 -3.53 -3.34 30.43
CA GLN A 93 -4.88 -2.78 30.38
C GLN A 93 -5.44 -2.73 28.96
N GLY A 94 -4.57 -2.47 27.97
CA GLY A 94 -5.04 -2.26 26.61
C GLY A 94 -5.55 -3.51 25.90
N GLY A 95 -5.15 -4.69 26.35
CA GLY A 95 -5.57 -5.93 25.70
C GLY A 95 -4.74 -6.38 24.51
N CYS A 96 -3.57 -5.81 24.29
CA CYS A 96 -2.67 -6.37 23.31
C CYS A 96 -1.99 -7.61 23.88
N ARG A 97 -1.81 -8.63 23.05
CA ARG A 97 -1.11 -9.84 23.48
C ARG A 97 0.37 -9.69 23.13
N VAL A 98 1.23 -10.20 24.03
CA VAL A 98 2.67 -10.03 23.86
C VAL A 98 3.17 -10.71 22.58
N GLN A 99 2.47 -11.71 22.07
CA GLN A 99 2.92 -12.37 20.85
C GLN A 99 2.25 -11.87 19.58
N GLU A 100 1.51 -10.75 19.63
CA GLU A 100 0.89 -10.24 18.41
C GLU A 100 1.96 -9.93 17.37
N LYS A 101 1.65 -10.22 16.11
CA LYS A 101 2.62 -10.10 15.02
C LYS A 101 2.19 -9.04 14.02
N ASP A 102 3.18 -8.37 13.41
CA ASP A 102 2.88 -7.56 12.24
C ASP A 102 2.85 -8.49 11.03
N ASN A 103 2.73 -7.92 9.83
CA ASN A 103 2.53 -8.77 8.65
C ASN A 103 3.74 -9.65 8.38
N SER A 104 4.93 -9.22 8.80
CA SER A 104 6.14 -9.99 8.59
C SER A 104 6.33 -11.08 9.62
N GLY A 105 5.49 -11.11 10.65
CA GLY A 105 5.70 -12.03 11.74
C GLY A 105 6.50 -11.49 12.91
N ALA A 106 6.83 -10.20 12.92
CA ALA A 106 7.63 -9.64 14.01
C ALA A 106 6.75 -9.35 15.23
N THR A 107 7.30 -9.62 16.41
CA THR A 107 6.65 -9.34 17.68
C THR A 107 7.28 -8.10 18.31
N VAL A 108 6.68 -7.62 19.39
CA VAL A 108 7.27 -6.48 20.07
C VAL A 108 8.68 -6.80 20.56
N LEU A 109 8.97 -8.05 20.92
CA LEU A 109 10.34 -8.40 21.30
C LEU A 109 11.31 -8.23 20.13
N HIS A 110 10.91 -8.65 18.92
CA HIS A 110 11.76 -8.40 17.75
C HIS A 110 12.04 -6.91 17.58
N LEU A 111 11.01 -6.08 17.72
CA LEU A 111 11.16 -4.67 17.41
CA LEU A 111 11.15 -4.66 17.42
C LEU A 111 11.97 -3.95 18.48
N ALA A 112 11.80 -4.34 19.75
CA ALA A 112 12.62 -3.75 20.82
C ALA A 112 14.09 -4.06 20.59
N ALA A 113 14.39 -5.28 20.12
CA ALA A 113 15.77 -5.63 19.80
C ALA A 113 16.25 -4.89 18.58
N ARG A 114 15.39 -4.80 17.54
CA ARG A 114 15.78 -4.17 16.28
C ARG A 114 16.26 -2.75 16.49
N PHE A 115 15.62 -2.02 17.40
CA PHE A 115 15.91 -0.61 17.57
C PHE A 115 16.68 -0.33 18.85
N GLY A 116 17.19 -1.38 19.50
CA GLY A 116 18.16 -1.20 20.57
C GLY A 116 17.61 -0.62 21.85
N HIS A 117 16.54 -1.21 22.37
CA HIS A 117 15.88 -0.73 23.58
C HIS A 117 15.95 -1.81 24.65
N PRO A 118 17.08 -1.93 25.35
CA PRO A 118 17.26 -3.07 26.25
C PRO A 118 16.36 -3.02 27.47
N ASP A 119 15.92 -1.84 27.90
CA ASP A 119 14.94 -1.81 28.98
C ASP A 119 13.66 -2.50 28.56
N VAL A 120 13.27 -2.31 27.30
CA VAL A 120 12.06 -2.96 26.81
C VAL A 120 12.29 -4.46 26.65
N VAL A 121 13.43 -4.84 26.06
CA VAL A 121 13.76 -6.25 25.93
C VAL A 121 13.72 -6.93 27.29
N LYS A 122 14.35 -6.31 28.30
CA LYS A 122 14.44 -6.93 29.62
C LYS A 122 13.05 -7.10 30.21
N TRP A 123 12.22 -6.06 30.13
CA TRP A 123 10.88 -6.18 30.70
C TRP A 123 10.06 -7.22 29.96
N LEU A 124 10.15 -7.25 28.63
CA LEU A 124 9.41 -8.25 27.85
C LEU A 124 9.81 -9.67 28.23
N LEU A 125 11.11 -9.91 28.43
CA LEU A 125 11.56 -11.27 28.72
C LEU A 125 11.20 -11.70 30.13
N TYR A 126 11.39 -10.83 31.12
CA TYR A 126 11.32 -11.29 32.50
C TYR A 126 10.06 -10.89 33.25
N GLN A 127 9.20 -10.04 32.68
CA GLN A 127 7.87 -9.74 33.21
C GLN A 127 6.75 -9.94 32.19
N GLY A 128 6.99 -9.61 30.92
CA GLY A 128 5.94 -9.65 29.92
C GLY A 128 5.67 -11.00 29.30
N GLY A 129 6.54 -11.98 29.53
CA GLY A 129 6.33 -13.33 29.00
C GLY A 129 6.64 -13.50 27.54
N ALA A 130 7.35 -12.55 26.92
CA ALA A 130 7.62 -12.65 25.47
C ALA A 130 8.49 -13.85 25.15
N ASN A 131 8.25 -14.46 24.00
CA ASN A 131 8.95 -15.68 23.60
C ASN A 131 10.14 -15.33 22.70
N SER A 132 11.33 -15.77 23.11
CA SER A 132 12.56 -15.41 22.41
C SER A 132 12.90 -16.35 21.26
N ALA A 133 12.10 -17.38 21.02
CA ALA A 133 12.41 -18.38 20.01
C ALA A 133 11.56 -18.24 18.76
N ILE A 134 10.87 -17.11 18.59
CA ILE A 134 9.94 -16.89 17.49
C ILE A 134 10.70 -16.33 16.29
N THR A 135 10.57 -16.99 15.13
CA THR A 135 11.12 -16.48 13.88
C THR A 135 10.06 -15.73 13.09
N THR A 136 10.48 -14.64 12.45
CA THR A 136 9.64 -13.97 11.48
C THR A 136 9.62 -14.74 10.17
N ASP A 137 8.93 -14.18 9.16
CA ASP A 137 8.81 -14.86 7.88
C ASP A 137 10.12 -14.87 7.09
N THR A 138 11.14 -14.15 7.54
CA THR A 138 12.48 -14.25 6.98
C THR A 138 13.39 -15.16 7.81
N GLY A 139 12.88 -15.78 8.85
CA GLY A 139 13.68 -16.60 9.73
C GLY A 139 14.38 -15.85 10.83
N ALA A 140 14.04 -14.59 11.03
CA ALA A 140 14.75 -13.77 12.01
C ALA A 140 14.21 -14.00 13.42
N LEU A 141 15.12 -14.29 14.37
CA LEU A 141 14.89 -14.28 15.80
C LEU A 141 15.15 -12.90 16.38
N PRO A 142 14.66 -12.62 17.58
CA PRO A 142 15.07 -11.36 18.23
C PRO A 142 16.58 -11.22 18.31
N ILE A 143 17.31 -12.33 18.52
CA ILE A 143 18.76 -12.24 18.64
C ILE A 143 19.39 -11.73 17.34
N HIS A 144 18.83 -12.12 16.18
CA HIS A 144 19.35 -11.56 14.93
C HIS A 144 19.23 -10.04 14.91
N TYR A 145 18.09 -9.52 15.37
CA TYR A 145 17.88 -8.07 15.37
C TYR A 145 18.81 -7.37 16.35
N ALA A 146 18.99 -7.94 17.54
CA ALA A 146 19.88 -7.31 18.52
C ALA A 146 21.31 -7.26 18.01
N ALA A 147 21.75 -8.34 17.35
CA ALA A 147 23.11 -8.37 16.79
C ALA A 147 23.28 -7.35 15.68
N ALA A 148 22.29 -7.25 14.79
CA ALA A 148 22.39 -6.30 13.69
C ALA A 148 22.38 -4.86 14.21
N LYS A 149 21.67 -4.59 15.30
CA LYS A 149 21.65 -3.26 15.89
C LYS A 149 22.93 -2.95 16.65
N GLY A 150 23.67 -3.97 17.09
CA GLY A 150 24.82 -3.75 17.95
C GLY A 150 24.47 -3.46 19.38
N ASP A 151 23.29 -3.87 19.83
CA ASP A 151 22.80 -3.60 21.18
C ASP A 151 23.30 -4.73 22.06
N LEU A 152 24.50 -4.54 22.65
CA LEU A 152 25.07 -5.61 23.46
C LEU A 152 24.23 -5.94 24.68
N PRO A 153 23.70 -4.98 25.45
CA PRO A 153 22.83 -5.37 26.58
C PRO A 153 21.64 -6.22 26.17
N SER A 154 20.93 -5.89 25.07
CA SER A 154 19.82 -6.74 24.64
C SER A 154 20.31 -8.10 24.18
N LEU A 155 21.41 -8.14 23.43
CA LEU A 155 21.96 -9.40 22.97
C LEU A 155 22.28 -10.33 24.13
N LYS A 156 22.93 -9.80 25.17
CA LYS A 156 23.23 -10.63 26.34
C LYS A 156 21.96 -11.20 26.94
N LEU A 157 20.91 -10.37 27.05
CA LEU A 157 19.65 -10.85 27.59
C LEU A 157 19.08 -11.97 26.73
N LEU A 158 19.14 -11.81 25.41
CA LEU A 158 18.51 -12.80 24.53
C LEU A 158 19.34 -14.09 24.46
N VAL A 159 20.66 -13.99 24.52
CA VAL A 159 21.47 -15.21 24.57
C VAL A 159 21.19 -15.99 25.84
N GLY A 160 21.10 -15.29 26.98
CA GLY A 160 20.81 -15.98 28.22
C GLY A 160 19.44 -16.63 28.20
N HIS A 161 18.48 -15.99 27.53
CA HIS A 161 17.11 -16.48 27.52
C HIS A 161 16.93 -17.62 26.54
N TYR A 162 17.60 -17.58 25.39
CA TYR A 162 17.47 -18.62 24.35
C TYR A 162 18.83 -18.86 23.71
N PRO A 163 19.71 -19.60 24.41
CA PRO A 163 21.09 -19.74 23.90
C PRO A 163 21.18 -20.49 22.59
N GLU A 164 20.19 -21.31 22.27
CA GLU A 164 20.21 -21.99 20.98
C GLU A 164 20.11 -21.04 19.80
N GLY A 165 19.75 -19.79 20.03
CA GLY A 165 19.69 -18.82 18.95
C GLY A 165 21.05 -18.36 18.45
N VAL A 166 22.14 -18.64 19.17
CA VAL A 166 23.43 -18.02 18.85
C VAL A 166 23.84 -18.34 17.43
N ASN A 167 23.73 -19.60 17.02
CA ASN A 167 24.17 -19.98 15.67
C ASN A 167 23.00 -20.18 14.72
N ALA A 168 21.81 -19.72 15.08
CA ALA A 168 20.66 -19.85 14.20
C ALA A 168 20.84 -19.02 12.93
N GLN A 169 20.38 -19.56 11.80
CA GLN A 169 20.47 -18.86 10.53
C GLN A 169 19.10 -18.42 10.07
N THR A 170 19.03 -17.21 9.52
CA THR A 170 17.83 -16.77 8.84
C THR A 170 17.66 -17.55 7.53
N ASN A 171 16.56 -17.26 6.82
CA ASN A 171 16.28 -17.99 5.58
C ASN A 171 17.36 -17.76 4.53
N ASN A 172 17.98 -16.57 4.51
CA ASN A 172 19.07 -16.34 3.58
C ASN A 172 20.43 -16.71 4.17
N GLY A 173 20.45 -17.35 5.34
CA GLY A 173 21.65 -17.98 5.87
C GLY A 173 22.42 -17.17 6.91
N ALA A 174 21.98 -15.97 7.23
CA ALA A 174 22.74 -15.09 8.12
C ALA A 174 22.62 -15.54 9.56
N THR A 175 23.76 -15.63 10.27
CA THR A 175 23.79 -15.82 11.71
C THR A 175 23.78 -14.46 12.41
N PRO A 176 23.50 -14.42 13.70
CA PRO A 176 23.68 -13.15 14.43
C PRO A 176 25.07 -12.58 14.23
N LEU A 177 26.10 -13.45 14.20
CA LEU A 177 27.45 -12.96 14.00
C LEU A 177 27.63 -12.37 12.60
N TYR A 178 27.11 -13.05 11.57
CA TYR A 178 27.15 -12.47 10.22
C TYR A 178 26.61 -11.05 10.23
N LEU A 179 25.47 -10.87 10.90
CA LEU A 179 24.80 -9.57 10.89
C LEU A 179 25.59 -8.54 11.68
N ALA A 180 26.18 -8.94 12.80
CA ALA A 180 26.99 -8.01 13.58
C ALA A 180 28.21 -7.56 12.77
N CYS A 181 28.80 -8.47 12.01
CA CYS A 181 29.94 -8.12 11.17
C CYS A 181 29.52 -7.21 10.02
N GLN A 182 28.40 -7.55 9.37
CA GLN A 182 27.84 -6.71 8.32
C GLN A 182 27.62 -5.28 8.80
N GLU A 183 27.18 -5.11 10.04
CA GLU A 183 26.87 -3.79 10.56
C GLU A 183 28.01 -3.19 11.37
N GLY A 184 29.16 -3.85 11.42
CA GLY A 184 30.36 -3.25 11.96
C GLY A 184 30.44 -3.18 13.46
N HIS A 185 29.72 -4.04 14.17
CA HIS A 185 29.62 -3.95 15.63
C HIS A 185 30.68 -4.84 16.27
N LEU A 186 31.84 -4.24 16.58
CA LEU A 186 33.00 -5.03 17.01
C LEU A 186 32.79 -5.65 18.39
N GLU A 187 32.29 -4.88 19.36
CA GLU A 187 32.15 -5.45 20.71
C GLU A 187 31.13 -6.58 20.73
N VAL A 188 30.06 -6.46 19.93
CA VAL A 188 29.11 -7.54 19.81
C VAL A 188 29.74 -8.74 19.11
N THR A 189 30.57 -8.49 18.08
CA THR A 189 31.25 -9.59 17.40
C THR A 189 32.15 -10.36 18.35
N LYS A 190 32.93 -9.63 19.15
CA LYS A 190 33.80 -10.27 20.14
C LYS A 190 32.98 -11.08 21.14
N TYR A 191 31.89 -10.50 21.64
CA TYR A 191 31.06 -11.21 22.62
C TYR A 191 30.56 -12.53 22.04
N LEU A 192 30.03 -12.48 20.81
CA LEU A 192 29.50 -13.69 20.18
C LEU A 192 30.57 -14.76 20.04
N VAL A 193 31.72 -14.39 19.47
CA VAL A 193 32.76 -15.37 19.22
C VAL A 193 33.39 -15.82 20.53
N GLN A 194 33.71 -14.87 21.41
CA GLN A 194 34.50 -15.21 22.60
C GLN A 194 33.66 -15.81 23.72
N GLU A 195 32.43 -15.33 23.92
CA GLU A 195 31.66 -15.76 25.07
C GLU A 195 30.51 -16.69 24.75
N CYS A 196 30.07 -16.73 23.48
CA CYS A 196 28.91 -17.52 23.10
C CYS A 196 29.22 -18.66 22.15
N SER A 197 30.50 -18.90 21.83
CA SER A 197 30.92 -19.94 20.90
C SER A 197 30.23 -19.80 19.54
N ALA A 198 30.03 -18.56 19.10
CA ALA A 198 29.45 -18.33 17.78
C ALA A 198 30.43 -18.79 16.71
N ASP A 199 29.92 -19.50 15.71
CA ASP A 199 30.74 -20.05 14.65
C ASP A 199 30.96 -19.01 13.56
N PRO A 200 32.19 -18.53 13.35
CA PRO A 200 32.43 -17.52 12.31
C PRO A 200 32.54 -18.09 10.90
N HIS A 201 32.42 -19.41 10.76
CA HIS A 201 32.53 -20.09 9.47
C HIS A 201 31.17 -20.43 8.88
N LEU A 202 30.07 -20.19 9.61
CA LEU A 202 28.75 -20.39 9.04
C LEU A 202 28.46 -19.30 8.02
N ARG A 203 28.25 -19.69 6.77
CA ARG A 203 28.08 -18.76 5.66
C ARG A 203 26.61 -18.51 5.33
N ALA A 204 26.36 -17.36 4.70
CA ALA A 204 25.05 -17.11 4.12
C ALA A 204 24.84 -17.98 2.87
N GLN A 205 23.61 -17.95 2.35
CA GLN A 205 23.25 -18.85 1.27
C GLN A 205 24.06 -18.62 -0.01
N ASP A 206 24.62 -17.42 -0.19
CA ASP A 206 25.43 -17.11 -1.37
C ASP A 206 26.90 -17.40 -1.16
N GLY A 207 27.27 -18.05 -0.06
CA GLY A 207 28.65 -18.37 0.20
C GLY A 207 29.43 -17.28 0.93
N MET A 208 28.83 -16.12 1.20
CA MET A 208 29.55 -15.07 1.89
C MET A 208 29.75 -15.42 3.37
N THR A 209 30.97 -15.21 3.87
CA THR A 209 31.28 -15.34 5.28
C THR A 209 31.05 -14.02 5.99
N PRO A 210 31.00 -14.03 7.33
CA PRO A 210 30.97 -12.74 8.06
C PRO A 210 32.11 -11.81 7.67
N LEU A 211 33.29 -12.35 7.33
CA LEU A 211 34.37 -11.49 6.90
CA LEU A 211 34.38 -11.51 6.88
C LEU A 211 34.05 -10.81 5.57
N HIS A 212 33.44 -11.54 4.65
CA HIS A 212 33.00 -10.91 3.41
C HIS A 212 32.07 -9.74 3.69
N ALA A 213 31.13 -9.94 4.62
CA ALA A 213 30.14 -8.90 4.92
C ALA A 213 30.81 -7.69 5.53
N ALA A 214 31.78 -7.91 6.43
CA ALA A 214 32.50 -6.78 6.99
C ALA A 214 33.26 -6.00 5.92
N ALA A 215 33.87 -6.71 4.96
CA ALA A 215 34.60 -6.03 3.89
C ALA A 215 33.65 -5.30 2.94
N GLN A 216 32.55 -5.96 2.59
CA GLN A 216 31.55 -5.35 1.72
C GLN A 216 31.03 -4.05 2.32
N MET A 217 30.90 -3.98 3.63
CA MET A 217 30.33 -2.79 4.28
CA MET A 217 30.34 -2.80 4.31
C MET A 217 31.39 -1.86 4.86
N GLY A 218 32.68 -2.16 4.66
CA GLY A 218 33.76 -1.24 5.00
C GLY A 218 34.14 -1.19 6.45
N HIS A 219 33.82 -2.21 7.22
CA HIS A 219 34.06 -2.17 8.67
C HIS A 219 35.42 -2.80 8.97
N ASN A 220 36.48 -2.01 8.76
CA ASN A 220 37.82 -2.53 8.96
C ASN A 220 38.07 -3.03 10.38
N PRO A 221 37.60 -2.36 11.45
CA PRO A 221 37.90 -2.89 12.79
C PRO A 221 37.41 -4.30 13.00
N VAL A 222 36.25 -4.64 12.42
CA VAL A 222 35.72 -6.00 12.52
C VAL A 222 36.54 -6.95 11.69
N LEU A 223 36.84 -6.58 10.43
CA LEU A 223 37.66 -7.44 9.59
C LEU A 223 39.02 -7.71 10.23
N VAL A 224 39.68 -6.67 10.74
CA VAL A 224 40.99 -6.84 11.36
C VAL A 224 40.88 -7.84 12.50
N TRP A 225 39.86 -7.69 13.36
CA TRP A 225 39.77 -8.56 14.53
C TRP A 225 39.51 -10.01 14.13
N LEU A 226 38.62 -10.23 13.14
CA LEU A 226 38.32 -11.59 12.71
C LEU A 226 39.56 -12.30 12.20
N VAL A 227 40.34 -11.63 11.34
CA VAL A 227 41.54 -12.23 10.81
C VAL A 227 42.57 -12.42 11.91
N SER A 228 42.73 -11.43 12.78
CA SER A 228 43.87 -11.40 13.68
C SER A 228 43.67 -12.27 14.90
N PHE A 229 42.41 -12.51 15.29
CA PHE A 229 42.12 -13.20 16.54
C PHE A 229 41.08 -14.31 16.43
N ALA A 230 40.27 -14.38 15.37
CA ALA A 230 39.19 -15.34 15.29
C ALA A 230 39.41 -16.46 14.26
N ASP A 231 40.62 -16.57 13.70
CA ASP A 231 40.97 -17.68 12.80
C ASP A 231 40.08 -17.70 11.56
N VAL A 232 39.72 -16.53 11.07
CA VAL A 232 39.00 -16.43 9.81
C VAL A 232 40.00 -16.08 8.71
N SER A 233 39.92 -16.79 7.60
CA SER A 233 40.84 -16.58 6.49
C SER A 233 40.35 -15.44 5.61
N PHE A 234 41.25 -14.54 5.22
CA PHE A 234 40.81 -13.51 4.27
C PHE A 234 40.87 -14.00 2.83
N SER A 235 41.15 -15.27 2.60
CA SER A 235 41.24 -15.83 1.26
C SER A 235 40.00 -16.60 0.85
N GLU A 236 38.99 -16.70 1.71
CA GLU A 236 37.82 -17.49 1.38
C GLU A 236 36.98 -16.81 0.31
N GLN A 237 36.28 -17.62 -0.47
CA GLN A 237 35.54 -17.15 -1.64
C GLN A 237 34.06 -17.48 -1.50
N ASP A 238 33.20 -16.61 -2.04
CA ASP A 238 31.77 -16.88 -2.03
C ASP A 238 31.44 -17.75 -3.24
N HIS A 239 30.15 -17.96 -3.50
CA HIS A 239 29.78 -18.86 -4.59
C HIS A 239 30.20 -18.34 -5.96
N ASP A 240 30.56 -17.06 -6.09
CA ASP A 240 31.04 -16.50 -7.34
C ASP A 240 32.56 -16.45 -7.43
N GLY A 241 33.27 -16.96 -6.44
CA GLY A 241 34.71 -16.83 -6.38
C GLY A 241 35.22 -15.52 -5.81
N ALA A 242 34.34 -14.67 -5.28
CA ALA A 242 34.76 -13.37 -4.77
C ALA A 242 35.41 -13.51 -3.40
N THR A 243 36.49 -12.76 -3.20
CA THR A 243 37.16 -12.62 -1.91
C THR A 243 36.71 -11.35 -1.22
N ALA A 244 37.08 -11.22 0.05
CA ALA A 244 36.85 -9.96 0.76
C ALA A 244 37.34 -8.76 -0.05
N MET A 245 38.47 -8.92 -0.73
CA MET A 245 39.05 -7.79 -1.44
C MET A 245 38.16 -7.32 -2.58
N HIS A 246 37.52 -8.27 -3.30
CA HIS A 246 36.56 -7.90 -4.33
C HIS A 246 35.45 -7.02 -3.76
N PHE A 247 34.86 -7.43 -2.65
CA PHE A 247 33.75 -6.69 -2.08
C PHE A 247 34.18 -5.29 -1.65
N ALA A 248 35.33 -5.17 -0.98
CA ALA A 248 35.80 -3.87 -0.53
C ALA A 248 36.08 -2.95 -1.71
N ALA A 249 36.76 -3.48 -2.73
CA ALA A 249 37.07 -2.65 -3.91
C ALA A 249 35.81 -2.20 -4.64
N SER A 250 34.79 -3.07 -4.70
CA SER A 250 33.57 -2.73 -5.43
C SER A 250 32.83 -1.58 -4.77
N ARG A 251 33.00 -1.38 -3.47
CA ARG A 251 32.23 -0.36 -2.76
CA ARG A 251 32.23 -0.36 -2.76
C ARG A 251 33.11 0.75 -2.20
N GLY A 252 34.37 0.85 -2.67
CA GLY A 252 35.22 1.97 -2.33
C GLY A 252 35.83 1.97 -0.95
N HIS A 253 35.95 0.81 -0.31
CA HIS A 253 36.38 0.76 1.09
C HIS A 253 37.91 0.64 1.10
N THR A 254 38.55 1.80 0.95
CA THR A 254 40.00 1.85 0.79
C THR A 254 40.73 1.35 2.03
N LYS A 255 40.18 1.57 3.22
CA LYS A 255 40.87 1.16 4.44
C LYS A 255 40.91 -0.36 4.55
N VAL A 256 39.80 -1.04 4.27
CA VAL A 256 39.77 -2.50 4.23
C VAL A 256 40.70 -3.02 3.14
N LEU A 257 40.60 -2.44 1.95
CA LEU A 257 41.45 -2.85 0.84
C LEU A 257 42.94 -2.71 1.20
N SER A 258 43.32 -1.58 1.78
CA SER A 258 44.70 -1.37 2.20
C SER A 258 45.15 -2.40 3.24
N TRP A 259 44.32 -2.63 4.26
CA TRP A 259 44.71 -3.58 5.31
C TRP A 259 44.89 -4.98 4.75
N LEU A 260 44.00 -5.41 3.86
CA LEU A 260 44.13 -6.74 3.25
C LEU A 260 45.45 -6.85 2.49
N LEU A 261 45.73 -5.88 1.61
CA LEU A 261 46.99 -5.90 0.87
C LEU A 261 48.19 -5.84 1.82
N LEU A 262 48.13 -4.99 2.85
CA LEU A 262 49.22 -4.89 3.81
C LEU A 262 49.54 -6.23 4.46
N HIS A 263 48.54 -7.10 4.62
CA HIS A 263 48.73 -8.35 5.33
C HIS A 263 48.81 -9.55 4.39
N GLY A 264 49.07 -9.32 3.11
CA GLY A 264 49.41 -10.40 2.21
C GLY A 264 48.28 -11.01 1.43
N ALA A 265 47.07 -10.44 1.50
CA ALA A 265 45.97 -10.96 0.72
C ALA A 265 46.26 -10.86 -0.76
N GLU A 266 45.95 -11.92 -1.51
CA GLU A 266 46.25 -11.95 -2.92
C GLU A 266 45.17 -11.25 -3.74
N ILE A 267 45.57 -10.81 -4.92
CA ILE A 267 44.69 -10.16 -5.88
C ILE A 267 44.32 -11.23 -6.89
N SER A 268 43.13 -11.80 -6.75
CA SER A 268 42.76 -13.02 -7.47
CA SER A 268 42.77 -13.01 -7.50
C SER A 268 41.53 -12.77 -8.33
N GLN A 269 41.35 -13.64 -9.33
CA GLN A 269 40.18 -13.59 -10.18
C GLN A 269 39.05 -14.40 -9.54
N ASP A 270 37.82 -13.92 -9.70
CA ASP A 270 36.67 -14.71 -9.31
C ASP A 270 36.34 -15.69 -10.43
N LEU A 271 35.24 -16.43 -10.27
CA LEU A 271 34.85 -17.39 -11.29
C LEU A 271 34.48 -16.74 -12.62
N TRP A 272 34.27 -15.42 -12.65
CA TRP A 272 34.00 -14.71 -13.88
C TRP A 272 35.25 -14.06 -14.46
N GLY A 273 36.41 -14.32 -13.86
CA GLY A 273 37.66 -13.79 -14.35
C GLY A 273 38.01 -12.39 -13.88
N GLY A 274 37.20 -11.80 -13.00
CA GLY A 274 37.45 -10.43 -12.55
C GLY A 274 38.27 -10.39 -11.28
N THR A 275 39.26 -9.51 -11.26
CA THR A 275 40.03 -9.21 -10.06
C THR A 275 39.35 -8.09 -9.29
N PRO A 276 39.80 -7.81 -8.07
CA PRO A 276 39.27 -6.62 -7.37
C PRO A 276 39.51 -5.33 -8.14
N LEU A 277 40.52 -5.29 -9.01
CA LEU A 277 40.69 -4.11 -9.85
C LEU A 277 39.55 -3.95 -10.85
N HIS A 278 39.05 -5.07 -11.40
CA HIS A 278 37.84 -4.99 -12.23
C HIS A 278 36.69 -4.39 -11.44
N ASP A 279 36.49 -4.86 -10.20
CA ASP A 279 35.38 -4.36 -9.37
C ASP A 279 35.50 -2.87 -9.12
N ALA A 280 36.70 -2.42 -8.75
CA ALA A 280 36.89 -0.99 -8.48
C ALA A 280 36.69 -0.15 -9.73
N ALA A 281 37.25 -0.60 -10.85
CA ALA A 281 37.17 0.18 -12.09
C ALA A 281 35.74 0.23 -12.62
N GLU A 282 35.05 -0.91 -12.61
CA GLU A 282 33.68 -0.99 -13.09
C GLU A 282 32.77 -0.03 -12.32
N ASN A 283 33.10 0.25 -11.07
CA ASN A 283 32.24 1.06 -10.22
C ASN A 283 32.80 2.46 -10.00
N GLY A 284 33.84 2.84 -10.72
CA GLY A 284 34.35 4.20 -10.66
C GLY A 284 35.04 4.54 -9.36
N GLU A 285 35.63 3.56 -8.69
CA GLU A 285 36.26 3.77 -7.39
C GLU A 285 37.74 4.07 -7.61
N LEU A 286 38.05 5.35 -7.86
CA LEU A 286 39.39 5.73 -8.33
C LEU A 286 40.45 5.44 -7.28
N GLU A 287 40.20 5.80 -6.03
CA GLU A 287 41.22 5.57 -5.01
C GLU A 287 41.52 4.08 -4.85
N CYS A 288 40.49 3.23 -4.91
CA CYS A 288 40.75 1.78 -4.87
C CYS A 288 41.53 1.33 -6.10
N CYS A 289 41.27 1.91 -7.27
CA CYS A 289 42.05 1.59 -8.46
C CYS A 289 43.53 1.92 -8.25
N GLN A 290 43.80 3.07 -7.63
CA GLN A 290 45.18 3.50 -7.40
C GLN A 290 45.88 2.61 -6.40
N ILE A 291 45.19 2.25 -5.31
CA ILE A 291 45.78 1.38 -4.30
C ILE A 291 46.11 0.03 -4.91
N LEU A 292 45.18 -0.52 -5.71
CA LEU A 292 45.42 -1.82 -6.32
C LEU A 292 46.56 -1.75 -7.35
N ALA A 293 46.58 -0.71 -8.18
CA ALA A 293 47.58 -0.62 -9.23
C ALA A 293 48.99 -0.46 -8.66
N VAL A 294 49.13 0.36 -7.62
CA VAL A 294 50.44 0.57 -7.01
C VAL A 294 50.93 -0.70 -6.31
N ASN A 295 50.01 -1.58 -5.91
CA ASN A 295 50.39 -2.78 -5.18
C ASN A 295 50.33 -4.04 -6.03
N GLY A 296 50.51 -3.90 -7.34
CA GLY A 296 50.79 -5.03 -8.19
C GLY A 296 49.61 -5.73 -8.84
N ALA A 297 48.43 -5.13 -8.84
CA ALA A 297 47.32 -5.72 -9.56
C ALA A 297 47.67 -5.85 -11.05
N GLY A 298 47.29 -6.97 -11.64
CA GLY A 298 47.54 -7.19 -13.05
C GLY A 298 46.64 -6.32 -13.91
N LEU A 299 47.19 -5.21 -14.41
CA LEU A 299 46.38 -4.25 -15.17
C LEU A 299 45.79 -4.88 -16.43
N ASP A 300 46.49 -5.81 -17.05
CA ASP A 300 46.09 -6.39 -18.32
C ASP A 300 45.23 -7.65 -18.17
N VAL A 301 44.92 -8.08 -16.94
CA VAL A 301 44.13 -9.29 -16.75
C VAL A 301 42.74 -9.07 -17.33
N ARG A 302 42.27 -10.01 -18.14
CA ARG A 302 40.97 -9.91 -18.77
C ARG A 302 39.98 -10.84 -18.10
N ASP A 303 38.73 -10.41 -18.00
CA ASP A 303 37.70 -11.26 -17.40
C ASP A 303 37.16 -12.23 -18.45
N HIS A 304 36.11 -12.95 -18.11
CA HIS A 304 35.62 -13.98 -19.03
C HIS A 304 34.90 -13.38 -20.23
N ASP A 305 34.73 -12.07 -20.29
CA ASP A 305 34.28 -11.38 -21.49
C ASP A 305 35.42 -10.76 -22.27
N GLY A 306 36.66 -10.91 -21.79
CA GLY A 306 37.81 -10.34 -22.47
C GLY A 306 38.10 -8.91 -22.13
N TYR A 307 37.50 -8.38 -21.07
CA TYR A 307 37.62 -6.98 -20.70
C TYR A 307 38.67 -6.81 -19.60
N THR A 308 39.58 -5.85 -19.79
CA THR A 308 40.44 -5.39 -18.72
C THR A 308 39.65 -4.46 -17.80
N ALA A 309 40.23 -4.17 -16.64
CA ALA A 309 39.59 -3.24 -15.72
C ALA A 309 39.39 -1.87 -16.37
N ALA A 310 40.38 -1.40 -17.11
CA ALA A 310 40.26 -0.12 -17.80
C ALA A 310 39.11 -0.14 -18.81
N ASP A 311 38.94 -1.25 -19.53
CA ASP A 311 37.82 -1.38 -20.46
C ASP A 311 36.49 -1.22 -19.72
N LEU A 312 36.36 -1.85 -18.55
CA LEU A 312 35.12 -1.80 -17.79
C LEU A 312 34.82 -0.38 -17.33
N ALA A 313 35.85 0.34 -16.85
CA ALA A 313 35.66 1.74 -16.49
C ALA A 313 35.13 2.55 -17.67
N GLU A 314 35.75 2.37 -18.85
CA GLU A 314 35.31 3.13 -20.02
C GLU A 314 33.86 2.79 -20.38
N PHE A 315 33.48 1.52 -20.36
CA PHE A 315 32.13 1.14 -20.75
C PHE A 315 31.08 1.64 -19.76
N ASN A 316 31.49 1.92 -18.52
CA ASN A 316 30.59 2.45 -17.50
C ASN A 316 30.68 3.96 -17.35
N GLY A 317 31.48 4.62 -18.19
CA GLY A 317 31.60 6.06 -18.13
C GLY A 317 32.49 6.60 -17.03
N HIS A 318 33.31 5.76 -16.41
CA HIS A 318 34.19 6.22 -15.33
C HIS A 318 35.53 6.62 -15.93
N THR A 319 35.53 7.79 -16.55
CA THR A 319 36.69 8.21 -17.33
C THR A 319 37.88 8.55 -16.46
N HIS A 320 37.66 9.02 -15.24
CA HIS A 320 38.78 9.23 -14.32
C HIS A 320 39.53 7.93 -14.06
N CYS A 321 38.80 6.83 -13.87
CA CYS A 321 39.45 5.55 -13.59
C CYS A 321 40.13 5.00 -14.83
N SER A 322 39.46 5.05 -15.98
CA SER A 322 40.07 4.51 -17.19
C SER A 322 41.30 5.30 -17.59
N ARG A 323 41.23 6.63 -17.52
CA ARG A 323 42.41 7.44 -17.85
C ARG A 323 43.57 7.12 -16.91
N TYR A 324 43.30 7.03 -15.61
CA TYR A 324 44.34 6.65 -14.66
C TYR A 324 44.94 5.30 -15.00
N LEU A 325 44.09 4.29 -15.22
CA LEU A 325 44.60 2.94 -15.41
C LEU A 325 45.40 2.81 -16.70
N ARG A 326 44.98 3.48 -17.76
CA ARG A 326 45.70 3.33 -19.03
C ARG A 326 47.04 4.04 -19.01
N THR A 327 47.15 5.15 -18.27
CA THR A 327 48.46 5.80 -18.16
C THR A 327 49.41 4.95 -17.32
N VAL A 328 48.92 4.35 -16.24
CA VAL A 328 49.77 3.52 -15.39
C VAL A 328 50.30 2.32 -16.17
N GLN A 329 49.45 1.70 -17.01
CA GLN A 329 49.87 0.53 -17.76
C GLN A 329 51.07 0.85 -18.65
N THR A 330 51.13 2.07 -19.19
CA THR A 330 52.27 2.45 -20.03
C THR A 330 53.58 2.46 -19.27
N LEU A 331 53.54 2.60 -17.95
CA LEU A 331 54.74 2.52 -17.12
C LEU A 331 55.05 1.07 -16.78
N ALA B 1 3.61 -17.03 -26.99
CA ALA B 1 2.51 -16.99 -26.04
C ALA B 1 1.72 -18.30 -26.05
N MET B 2 2.21 -19.27 -26.82
CA MET B 2 1.48 -20.54 -26.98
C MET B 2 1.24 -21.21 -25.63
N ALA B 3 2.31 -21.42 -24.85
CA ALA B 3 2.15 -22.01 -23.54
C ALA B 3 1.35 -21.11 -22.61
N LEU B 4 1.47 -19.79 -22.78
CA LEU B 4 0.77 -18.87 -21.87
C LEU B 4 -0.74 -19.06 -21.97
N GLU B 5 -1.28 -19.02 -23.19
CA GLU B 5 -2.73 -19.15 -23.36
C GLU B 5 -3.22 -20.50 -22.85
N GLN B 6 -2.43 -21.56 -23.07
CA GLN B 6 -2.80 -22.88 -22.55
C GLN B 6 -2.84 -22.88 -21.04
N ALA B 7 -1.84 -22.28 -20.39
CA ALA B 7 -1.80 -22.29 -18.94
C ALA B 7 -2.96 -21.49 -18.35
N LEU B 8 -3.23 -20.30 -18.92
CA LEU B 8 -4.30 -19.49 -18.37
C LEU B 8 -5.65 -20.15 -18.60
N GLN B 9 -5.88 -20.73 -19.79
CA GLN B 9 -7.14 -21.39 -20.02
C GLN B 9 -7.30 -22.61 -19.11
N ALA B 10 -6.22 -23.38 -18.92
CA ALA B 10 -6.28 -24.54 -18.04
C ALA B 10 -6.56 -24.12 -16.61
N ALA B 11 -5.99 -23.00 -16.17
CA ALA B 11 -6.27 -22.52 -14.83
C ALA B 11 -7.73 -22.12 -14.69
N ARG B 12 -8.27 -21.39 -15.67
CA ARG B 12 -9.67 -21.00 -15.61
C ARG B 12 -10.60 -22.20 -15.69
N ARG B 13 -10.20 -23.23 -16.44
CA ARG B 13 -11.03 -24.44 -16.54
C ARG B 13 -10.84 -25.38 -15.36
N GLY B 14 -9.82 -25.17 -14.55
CA GLY B 14 -9.49 -26.13 -13.50
C GLY B 14 -8.93 -27.45 -14.03
N ASP B 15 -8.21 -27.40 -15.15
CA ASP B 15 -7.66 -28.62 -15.75
C ASP B 15 -6.27 -28.85 -15.19
N LEU B 16 -6.19 -29.57 -14.07
CA LEU B 16 -4.89 -29.80 -13.46
C LEU B 16 -4.03 -30.71 -14.32
N ASP B 17 -4.65 -31.63 -15.06
CA ASP B 17 -3.89 -32.53 -15.92
C ASP B 17 -3.03 -31.73 -16.90
N VAL B 18 -3.61 -30.69 -17.51
CA VAL B 18 -2.84 -29.87 -18.45
C VAL B 18 -1.76 -29.11 -17.73
N LEU B 19 -2.08 -28.51 -16.59
CA LEU B 19 -1.11 -27.71 -15.85
C LEU B 19 0.07 -28.58 -15.39
N ARG B 20 -0.21 -29.80 -14.93
CA ARG B 20 0.90 -30.66 -14.52
C ARG B 20 1.80 -30.99 -15.70
N SER B 21 1.21 -31.22 -16.88
CA SER B 21 2.01 -31.50 -18.07
C SER B 21 2.85 -30.31 -18.46
N LEU B 22 2.26 -29.11 -18.42
CA LEU B 22 3.02 -27.89 -18.70
C LEU B 22 4.15 -27.72 -17.70
N HIS B 23 3.88 -28.01 -16.43
CA HIS B 23 4.91 -27.87 -15.40
C HIS B 23 6.07 -28.80 -15.66
N ALA B 24 5.77 -30.09 -15.88
CA ALA B 24 6.83 -31.05 -16.17
C ALA B 24 7.62 -30.68 -17.42
N ALA B 25 6.97 -30.08 -18.42
CA ALA B 25 7.66 -29.69 -19.64
C ALA B 25 8.49 -28.43 -19.48
N GLY B 26 8.49 -27.82 -18.29
CA GLY B 26 9.21 -26.57 -18.09
C GLY B 26 8.52 -25.34 -18.61
N LEU B 27 7.22 -25.41 -18.89
CA LEU B 27 6.51 -24.29 -19.50
C LEU B 27 5.72 -23.45 -18.50
N LEU B 28 5.70 -23.84 -17.22
CA LEU B 28 5.00 -23.06 -16.21
C LEU B 28 6.00 -22.18 -15.46
N GLY B 29 5.71 -21.84 -14.21
CA GLY B 29 6.58 -20.97 -13.45
C GLY B 29 6.24 -19.50 -13.62
N PRO B 30 6.77 -18.64 -12.73
CA PRO B 30 6.38 -17.22 -12.76
C PRO B 30 6.93 -16.50 -13.99
N SER B 31 6.57 -15.23 -14.16
CA SER B 31 6.74 -14.45 -15.37
C SER B 31 5.89 -14.98 -16.53
N LEU B 32 5.12 -16.05 -16.30
CA LEU B 32 4.09 -16.47 -17.24
C LEU B 32 2.83 -15.65 -16.90
N ARG B 33 2.85 -14.39 -17.33
CA ARG B 33 1.86 -13.40 -16.96
C ARG B 33 1.03 -13.01 -18.18
N ASP B 34 -0.25 -12.70 -17.95
CA ASP B 34 -1.04 -12.10 -19.00
C ASP B 34 -0.65 -10.61 -19.13
N SER B 35 -1.35 -9.90 -20.01
CA SER B 35 -0.99 -8.52 -20.31
C SER B 35 -1.24 -7.58 -19.15
N LEU B 36 -1.96 -8.01 -18.11
CA LEU B 36 -2.15 -7.22 -16.91
C LEU B 36 -1.36 -7.77 -15.74
N ASP B 37 -0.34 -8.59 -16.02
CA ASP B 37 0.56 -9.16 -15.02
C ASP B 37 -0.14 -10.13 -14.06
N ALA B 38 -1.31 -10.62 -14.43
CA ALA B 38 -1.95 -11.68 -13.65
C ALA B 38 -1.32 -13.03 -14.00
N LEU B 39 -1.25 -13.90 -12.99
CA LEU B 39 -0.66 -15.22 -13.13
C LEU B 39 -1.74 -16.29 -13.24
N PRO B 40 -1.36 -17.52 -13.55
CA PRO B 40 -2.34 -18.61 -13.44
C PRO B 40 -3.05 -18.68 -12.10
N VAL B 41 -2.42 -18.29 -10.99
CA VAL B 41 -3.12 -18.31 -9.70
C VAL B 41 -4.30 -17.36 -9.70
N HIS B 42 -4.14 -16.17 -10.31
CA HIS B 42 -5.27 -15.26 -10.46
C HIS B 42 -6.40 -15.90 -11.26
N HIS B 43 -6.04 -16.56 -12.37
CA HIS B 43 -7.07 -17.10 -13.25
C HIS B 43 -7.79 -18.27 -12.60
N ALA B 44 -7.09 -19.08 -11.80
CA ALA B 44 -7.79 -20.12 -11.05
C ALA B 44 -8.72 -19.50 -9.99
N ALA B 45 -8.23 -18.51 -9.26
CA ALA B 45 -9.01 -17.92 -8.17
C ALA B 45 -10.24 -17.18 -8.70
N ARG B 46 -10.11 -16.45 -9.81
CA ARG B 46 -11.26 -15.72 -10.36
C ARG B 46 -12.29 -16.66 -10.99
N SER B 47 -11.97 -17.96 -11.08
CA SER B 47 -12.86 -18.95 -11.67
C SER B 47 -13.38 -19.95 -10.64
N GLY B 48 -12.99 -19.79 -9.38
CA GLY B 48 -13.47 -20.68 -8.33
C GLY B 48 -12.85 -22.05 -8.36
N LYS B 49 -11.67 -22.21 -8.97
CA LYS B 49 -11.07 -23.52 -9.14
C LYS B 49 -10.09 -23.76 -7.99
N LEU B 50 -10.61 -24.26 -6.87
CA LEU B 50 -9.81 -24.35 -5.64
C LEU B 50 -8.72 -25.41 -5.75
N HIS B 51 -9.09 -26.61 -6.19
CA HIS B 51 -8.10 -27.68 -6.36
C HIS B 51 -6.93 -27.20 -7.21
N CYS B 52 -7.25 -26.52 -8.31
CA CYS B 52 -6.25 -25.98 -9.20
C CYS B 52 -5.42 -24.90 -8.53
N LEU B 53 -6.08 -23.98 -7.82
CA LEU B 53 -5.37 -22.89 -7.15
C LEU B 53 -4.36 -23.43 -6.15
N ARG B 54 -4.77 -24.42 -5.35
CA ARG B 54 -3.85 -25.02 -4.38
CA ARG B 54 -3.85 -25.02 -4.38
C ARG B 54 -2.65 -25.64 -5.07
N TYR B 55 -2.89 -26.33 -6.19
CA TYR B 55 -1.78 -26.93 -6.91
C TYR B 55 -0.79 -25.87 -7.40
N LEU B 56 -1.31 -24.76 -7.94
CA LEU B 56 -0.42 -23.74 -8.48
C LEU B 56 0.42 -23.08 -7.39
N VAL B 57 -0.19 -22.85 -6.21
CA VAL B 57 0.52 -22.22 -5.10
C VAL B 57 1.49 -23.19 -4.45
N GLU B 58 1.02 -24.38 -4.10
CA GLU B 58 1.80 -25.29 -3.27
C GLU B 58 2.78 -26.13 -4.06
N GLU B 59 2.47 -26.50 -5.30
CA GLU B 59 3.33 -27.39 -6.07
C GLU B 59 4.09 -26.68 -7.18
N VAL B 60 3.49 -25.70 -7.86
CA VAL B 60 4.20 -24.92 -8.86
C VAL B 60 4.93 -23.75 -8.23
N ALA B 61 4.61 -23.42 -6.98
CA ALA B 61 5.28 -22.37 -6.22
C ALA B 61 5.00 -20.98 -6.78
N LEU B 62 3.83 -20.78 -7.38
CA LEU B 62 3.39 -19.43 -7.70
C LEU B 62 2.84 -18.79 -6.43
N PRO B 63 3.40 -17.66 -5.97
CA PRO B 63 3.00 -17.11 -4.67
C PRO B 63 1.53 -16.73 -4.62
N ALA B 64 0.88 -17.10 -3.50
CA ALA B 64 -0.50 -16.69 -3.26
C ALA B 64 -0.65 -15.18 -3.25
N VAL B 65 0.41 -14.46 -2.88
CA VAL B 65 0.36 -13.00 -2.75
C VAL B 65 0.79 -12.30 -4.04
N SER B 66 0.85 -13.03 -5.15
CA SER B 66 1.25 -12.45 -6.43
C SER B 66 0.36 -11.28 -6.80
N ARG B 67 0.96 -10.20 -7.30
CA ARG B 67 0.22 -8.97 -7.59
C ARG B 67 0.17 -8.71 -9.09
N ALA B 68 -1.03 -8.42 -9.59
CA ALA B 68 -1.20 -7.93 -10.96
C ALA B 68 -0.73 -6.49 -11.07
N ARG B 69 -0.85 -5.93 -12.28
CA ARG B 69 -0.34 -4.57 -12.54
C ARG B 69 -0.96 -3.55 -11.60
N ASN B 70 -2.25 -3.71 -11.30
CA ASN B 70 -2.97 -2.80 -10.41
C ASN B 70 -2.88 -3.22 -8.94
N GLY B 71 -2.05 -4.21 -8.64
CA GLY B 71 -1.87 -4.66 -7.27
C GLY B 71 -2.80 -5.77 -6.83
N ALA B 72 -3.73 -6.20 -7.69
CA ALA B 72 -4.68 -7.21 -7.26
C ALA B 72 -3.99 -8.56 -7.05
N THR B 73 -4.27 -9.20 -5.92
CA THR B 73 -3.82 -10.56 -5.65
C THR B 73 -4.91 -11.55 -6.04
N PRO B 74 -4.59 -12.85 -6.08
CA PRO B 74 -5.66 -13.83 -6.33
C PRO B 74 -6.82 -13.71 -5.34
N ALA B 75 -6.55 -13.26 -4.12
CA ALA B 75 -7.63 -13.10 -3.16
C ALA B 75 -8.56 -11.96 -3.58
N HIS B 76 -8.00 -10.86 -4.08
CA HIS B 76 -8.82 -9.78 -4.64
C HIS B 76 -9.68 -10.31 -5.78
N ASP B 77 -9.10 -11.12 -6.68
CA ASP B 77 -9.86 -11.70 -7.77
C ASP B 77 -11.02 -12.54 -7.24
N ALA B 78 -10.73 -13.40 -6.26
CA ALA B 78 -11.78 -14.28 -5.74
C ALA B 78 -12.88 -13.48 -5.06
N ALA B 79 -12.51 -12.42 -4.33
CA ALA B 79 -13.52 -11.61 -3.66
C ALA B 79 -14.41 -10.90 -4.67
N ALA B 80 -13.81 -10.33 -5.71
CA ALA B 80 -14.58 -9.62 -6.72
C ALA B 80 -15.52 -10.54 -7.48
N THR B 81 -15.12 -11.79 -7.70
CA THR B 81 -15.96 -12.72 -8.43
C THR B 81 -16.87 -13.55 -7.51
N GLY B 82 -16.70 -13.44 -6.19
CA GLY B 82 -17.62 -14.08 -5.27
C GLY B 82 -17.30 -15.53 -4.99
N TYR B 83 -16.10 -15.99 -5.30
CA TYR B 83 -15.73 -17.39 -5.10
C TYR B 83 -15.17 -17.53 -3.69
N LEU B 84 -16.08 -17.79 -2.75
CA LEU B 84 -15.74 -17.71 -1.33
C LEU B 84 -14.75 -18.80 -0.90
N SER B 85 -14.89 -20.03 -1.41
CA SER B 85 -13.99 -21.09 -0.96
CA SER B 85 -13.99 -21.08 -0.95
C SER B 85 -12.55 -20.79 -1.35
N CYS B 86 -12.34 -20.25 -2.55
CA CYS B 86 -10.98 -19.87 -2.93
C CYS B 86 -10.47 -18.74 -2.04
N LEU B 87 -11.32 -17.77 -1.75
CA LEU B 87 -10.92 -16.67 -0.88
C LEU B 87 -10.59 -17.17 0.50
N GLN B 88 -11.43 -18.04 1.05
CA GLN B 88 -11.18 -18.60 2.38
C GLN B 88 -9.84 -19.32 2.41
N TRP B 89 -9.57 -20.14 1.39
CA TRP B 89 -8.30 -20.88 1.40
C TRP B 89 -7.12 -19.91 1.34
N LEU B 90 -7.19 -18.91 0.46
CA LEU B 90 -6.07 -17.97 0.33
C LEU B 90 -5.80 -17.25 1.65
N LEU B 91 -6.84 -16.87 2.37
CA LEU B 91 -6.71 -16.12 3.61
C LEU B 91 -6.35 -16.98 4.81
N THR B 92 -6.48 -18.30 4.70
CA THR B 92 -6.22 -19.17 5.83
CA THR B 92 -6.22 -19.18 5.84
C THR B 92 -4.96 -19.96 5.52
N GLN B 93 -5.05 -21.10 4.83
CA GLN B 93 -3.87 -21.90 4.52
C GLN B 93 -2.96 -21.26 3.49
N GLY B 94 -3.46 -20.37 2.65
CA GLY B 94 -2.59 -19.73 1.68
C GLY B 94 -1.72 -18.61 2.23
N GLY B 95 -1.96 -18.18 3.46
CA GLY B 95 -1.14 -17.16 4.07
C GLY B 95 -1.42 -15.73 3.65
N CYS B 96 -2.46 -15.48 2.85
CA CYS B 96 -2.76 -14.10 2.48
C CYS B 96 -3.40 -13.38 3.65
N ARG B 97 -3.30 -12.05 3.62
CA ARG B 97 -3.78 -11.20 4.71
C ARG B 97 -5.09 -10.53 4.32
N VAL B 98 -6.07 -10.59 5.23
CA VAL B 98 -7.38 -10.02 4.91
C VAL B 98 -7.32 -8.53 4.62
N GLN B 99 -6.32 -7.82 5.16
CA GLN B 99 -6.25 -6.38 4.94
C GLN B 99 -5.36 -5.98 3.76
N GLU B 100 -4.88 -6.94 2.97
CA GLU B 100 -4.01 -6.61 1.86
C GLU B 100 -4.69 -5.68 0.88
N LYS B 101 -4.00 -4.61 0.49
CA LYS B 101 -4.54 -3.60 -0.41
C LYS B 101 -3.97 -3.78 -1.81
N ASP B 102 -4.80 -3.58 -2.82
CA ASP B 102 -4.25 -3.38 -4.16
C ASP B 102 -3.58 -2.01 -4.21
N ASN B 103 -3.08 -1.62 -5.38
CA ASN B 103 -2.29 -0.39 -5.45
C ASN B 103 -3.10 0.85 -5.10
N SER B 104 -4.43 0.79 -5.22
CA SER B 104 -5.30 1.93 -4.94
C SER B 104 -5.97 1.86 -3.59
N GLY B 105 -5.69 0.82 -2.80
CA GLY B 105 -6.19 0.75 -1.44
C GLY B 105 -7.38 -0.16 -1.23
N ALA B 106 -7.83 -0.87 -2.26
CA ALA B 106 -9.00 -1.73 -2.11
C ALA B 106 -8.62 -3.04 -1.43
N THR B 107 -9.43 -3.45 -0.46
CA THR B 107 -9.27 -4.74 0.21
C THR B 107 -10.31 -5.73 -0.33
N VAL B 108 -10.17 -7.00 0.06
CA VAL B 108 -11.17 -7.98 -0.38
C VAL B 108 -12.57 -7.59 0.09
N LEU B 109 -12.69 -6.90 1.24
CA LEU B 109 -14.01 -6.50 1.70
C LEU B 109 -14.61 -5.42 0.81
N HIS B 110 -13.78 -4.46 0.37
CA HIS B 110 -14.24 -3.48 -0.60
C HIS B 110 -14.76 -4.17 -1.85
N LEU B 111 -14.03 -5.17 -2.33
CA LEU B 111 -14.38 -5.78 -3.61
C LEU B 111 -15.61 -6.67 -3.49
N ALA B 112 -15.78 -7.35 -2.36
CA ALA B 112 -16.98 -8.15 -2.16
C ALA B 112 -18.21 -7.25 -2.17
N ALA B 113 -18.11 -6.08 -1.57
CA ALA B 113 -19.22 -5.13 -1.59
C ALA B 113 -19.42 -4.53 -2.97
N ARG B 114 -18.31 -4.20 -3.65
CA ARG B 114 -18.38 -3.58 -4.98
C ARG B 114 -19.18 -4.44 -5.95
N PHE B 115 -19.02 -5.77 -5.86
CA PHE B 115 -19.64 -6.66 -6.83
C PHE B 115 -20.84 -7.39 -6.25
N GLY B 116 -21.34 -6.94 -5.10
CA GLY B 116 -22.62 -7.41 -4.62
C GLY B 116 -22.63 -8.86 -4.18
N HIS B 117 -21.65 -9.24 -3.36
CA HIS B 117 -21.53 -10.62 -2.87
C HIS B 117 -21.74 -10.68 -1.36
N PRO B 118 -22.99 -10.62 -0.87
CA PRO B 118 -23.18 -10.50 0.59
C PRO B 118 -22.73 -11.73 1.37
N ASP B 119 -22.75 -12.93 0.76
CA ASP B 119 -22.22 -14.08 1.48
C ASP B 119 -20.73 -13.92 1.76
N VAL B 120 -20.01 -13.30 0.82
CA VAL B 120 -18.59 -13.06 1.01
C VAL B 120 -18.40 -11.94 2.03
N VAL B 121 -19.19 -10.87 1.92
CA VAL B 121 -19.13 -9.80 2.90
C VAL B 121 -19.36 -10.36 4.30
N LYS B 122 -20.39 -11.18 4.46
CA LYS B 122 -20.71 -11.70 5.79
C LYS B 122 -19.56 -12.52 6.36
N TRP B 123 -19.02 -13.44 5.55
CA TRP B 123 -17.92 -14.27 6.05
C TRP B 123 -16.71 -13.42 6.40
N LEU B 124 -16.37 -12.45 5.55
CA LEU B 124 -15.21 -11.61 5.84
C LEU B 124 -15.38 -10.85 7.15
N LEU B 125 -16.59 -10.31 7.40
CA LEU B 125 -16.80 -9.54 8.62
C LEU B 125 -16.78 -10.42 9.86
N TYR B 126 -17.44 -11.59 9.82
CA TYR B 126 -17.72 -12.31 11.04
C TYR B 126 -16.87 -13.56 11.25
N GLN B 127 -16.17 -14.03 10.21
CA GLN B 127 -15.21 -15.12 10.34
C GLN B 127 -13.80 -14.73 9.90
N GLY B 128 -13.66 -13.83 8.93
CA GLY B 128 -12.37 -13.48 8.37
C GLY B 128 -11.65 -12.33 9.03
N GLY B 129 -12.30 -11.63 9.96
CA GLY B 129 -11.65 -10.54 10.67
C GLY B 129 -11.42 -9.28 9.87
N ALA B 130 -12.19 -9.09 8.78
CA ALA B 130 -12.02 -7.92 7.91
C ALA B 130 -12.46 -6.64 8.59
N ASN B 131 -11.74 -5.54 8.33
CA ASN B 131 -12.01 -4.26 8.94
C ASN B 131 -12.88 -3.41 8.01
N SER B 132 -14.08 -3.06 8.49
CA SER B 132 -15.05 -2.31 7.70
C SER B 132 -14.82 -0.81 7.75
N ALA B 133 -13.81 -0.33 8.48
CA ALA B 133 -13.58 1.11 8.65
C ALA B 133 -12.34 1.60 7.91
N ILE B 134 -11.70 0.79 7.09
CA ILE B 134 -10.48 1.19 6.39
C ILE B 134 -10.86 1.75 5.03
N THR B 135 -10.34 2.93 4.68
CA THR B 135 -10.67 3.50 3.38
C THR B 135 -9.63 3.11 2.33
N THR B 136 -10.04 3.20 1.05
CA THR B 136 -9.09 3.16 -0.05
C THR B 136 -8.39 4.50 -0.19
N ASP B 137 -7.51 4.60 -1.20
CA ASP B 137 -6.80 5.86 -1.47
C ASP B 137 -7.75 6.99 -1.86
N THR B 138 -8.95 6.68 -2.33
CA THR B 138 -9.95 7.68 -2.69
C THR B 138 -10.88 8.01 -1.52
N GLY B 139 -10.69 7.38 -0.37
CA GLY B 139 -11.54 7.59 0.76
C GLY B 139 -12.77 6.70 0.80
N ALA B 140 -12.82 5.67 -0.03
CA ALA B 140 -14.00 4.81 -0.08
C ALA B 140 -13.95 3.74 1.00
N LEU B 141 -15.04 3.60 1.74
CA LEU B 141 -15.30 2.48 2.63
C LEU B 141 -16.02 1.38 1.86
N PRO B 142 -16.02 0.15 2.39
CA PRO B 142 -16.88 -0.88 1.78
C PRO B 142 -18.32 -0.42 1.66
N ILE B 143 -18.83 0.37 2.62
CA ILE B 143 -20.24 0.76 2.53
C ILE B 143 -20.48 1.68 1.34
N HIS B 144 -19.48 2.49 0.93
CA HIS B 144 -19.64 3.26 -0.30
C HIS B 144 -19.85 2.36 -1.49
N TYR B 145 -19.07 1.28 -1.58
CA TYR B 145 -19.18 0.36 -2.71
C TYR B 145 -20.51 -0.37 -2.69
N ALA B 146 -20.96 -0.78 -1.51
CA ALA B 146 -22.26 -1.47 -1.42
C ALA B 146 -23.38 -0.56 -1.86
N ALA B 147 -23.33 0.71 -1.44
CA ALA B 147 -24.36 1.68 -1.85
C ALA B 147 -24.32 1.95 -3.35
N ALA B 148 -23.12 2.11 -3.92
CA ALA B 148 -23.02 2.35 -5.36
C ALA B 148 -23.50 1.16 -6.17
N LYS B 149 -23.31 -0.06 -5.64
CA LYS B 149 -23.79 -1.27 -6.29
C LYS B 149 -25.29 -1.45 -6.13
N GLY B 150 -25.89 -0.85 -5.11
CA GLY B 150 -27.29 -1.06 -4.82
C GLY B 150 -27.57 -2.37 -4.14
N ASP B 151 -26.59 -2.94 -3.44
CA ASP B 151 -26.70 -4.25 -2.81
CA ASP B 151 -26.75 -4.26 -2.81
C ASP B 151 -27.23 -4.05 -1.39
N LEU B 152 -28.55 -4.14 -1.20
CA LEU B 152 -29.07 -3.94 0.15
C LEU B 152 -28.56 -4.97 1.14
N PRO B 153 -28.50 -6.28 0.84
CA PRO B 153 -27.97 -7.22 1.84
C PRO B 153 -26.56 -6.89 2.31
N SER B 154 -25.65 -6.49 1.40
CA SER B 154 -24.30 -6.16 1.83
C SER B 154 -24.28 -4.85 2.61
N LEU B 155 -25.08 -3.87 2.17
CA LEU B 155 -25.17 -2.62 2.90
C LEU B 155 -25.68 -2.86 4.33
N LYS B 156 -26.68 -3.72 4.49
CA LYS B 156 -27.18 -4.03 5.84
C LYS B 156 -26.07 -4.61 6.71
N LEU B 157 -25.31 -5.55 6.15
CA LEU B 157 -24.23 -6.16 6.91
C LEU B 157 -23.21 -5.10 7.33
N LEU B 158 -22.85 -4.22 6.40
CA LEU B 158 -21.82 -3.23 6.70
C LEU B 158 -22.34 -2.16 7.66
N VAL B 159 -23.62 -1.81 7.58
CA VAL B 159 -24.18 -0.86 8.54
C VAL B 159 -24.19 -1.45 9.94
N GLY B 160 -24.58 -2.72 10.06
CA GLY B 160 -24.56 -3.35 11.36
C GLY B 160 -23.17 -3.45 11.94
N HIS B 161 -22.17 -3.61 11.08
CA HIS B 161 -20.81 -3.81 11.55
C HIS B 161 -20.11 -2.49 11.89
N TYR B 162 -20.41 -1.44 11.13
CA TYR B 162 -19.79 -0.12 11.33
C TYR B 162 -20.82 0.96 11.04
N PRO B 163 -21.77 1.17 11.96
CA PRO B 163 -22.85 2.14 11.68
C PRO B 163 -22.34 3.56 11.47
N GLU B 164 -21.20 3.91 12.04
CA GLU B 164 -20.66 5.25 11.87
C GLU B 164 -20.16 5.49 10.45
N GLY B 165 -20.06 4.46 9.63
CA GLY B 165 -19.69 4.71 8.25
C GLY B 165 -20.80 5.28 7.38
N VAL B 166 -22.03 5.36 7.90
CA VAL B 166 -23.16 5.72 7.06
C VAL B 166 -23.01 7.11 6.47
N ASN B 167 -22.46 8.06 7.24
CA ASN B 167 -22.27 9.42 6.75
C ASN B 167 -20.81 9.73 6.42
N ALA B 168 -19.98 8.71 6.24
CA ALA B 168 -18.60 8.91 5.87
C ALA B 168 -18.50 9.46 4.44
N GLN B 169 -17.54 10.35 4.21
CA GLN B 169 -17.37 10.96 2.90
C GLN B 169 -16.06 10.52 2.26
N THR B 170 -16.13 10.24 0.96
CA THR B 170 -14.92 9.99 0.18
C THR B 170 -14.13 11.30 0.04
N ASN B 171 -12.99 11.21 -0.63
CA ASN B 171 -12.15 12.40 -0.75
C ASN B 171 -12.84 13.50 -1.55
N ASN B 172 -13.72 13.15 -2.48
CA ASN B 172 -14.47 14.17 -3.22
C ASN B 172 -15.81 14.50 -2.54
N GLY B 173 -16.03 13.98 -1.34
CA GLY B 173 -17.13 14.37 -0.51
C GLY B 173 -18.37 13.50 -0.58
N ALA B 174 -18.36 12.43 -1.36
CA ALA B 174 -19.57 11.64 -1.56
C ALA B 174 -19.83 10.72 -0.38
N THR B 175 -21.06 10.76 0.12
CA THR B 175 -21.57 9.80 1.11
C THR B 175 -22.06 8.54 0.41
N PRO B 176 -22.28 7.46 1.16
CA PRO B 176 -22.96 6.30 0.56
C PRO B 176 -24.28 6.69 -0.05
N LEU B 177 -25.04 7.56 0.62
CA LEU B 177 -26.32 8.00 0.08
C LEU B 177 -26.14 8.75 -1.23
N TYR B 178 -25.14 9.62 -1.30
CA TYR B 178 -24.87 10.32 -2.56
C TYR B 178 -24.70 9.32 -3.70
N LEU B 179 -23.89 8.28 -3.47
CA LEU B 179 -23.63 7.31 -4.52
C LEU B 179 -24.87 6.49 -4.86
N ALA B 180 -25.67 6.12 -3.85
CA ALA B 180 -26.90 5.38 -4.15
C ALA B 180 -27.84 6.22 -5.02
N CYS B 181 -27.89 7.52 -4.78
CA CYS B 181 -28.78 8.37 -5.58
C CYS B 181 -28.20 8.60 -6.97
N GLN B 182 -26.88 8.81 -7.04
CA GLN B 182 -26.23 8.96 -8.33
C GLN B 182 -26.45 7.75 -9.22
N GLU B 183 -26.45 6.56 -8.62
CA GLU B 183 -26.57 5.34 -9.40
C GLU B 183 -28.02 4.85 -9.53
N GLY B 184 -28.97 5.58 -8.94
CA GLY B 184 -30.39 5.32 -9.14
C GLY B 184 -30.95 4.18 -8.30
N HIS B 185 -30.33 3.87 -7.18
CA HIS B 185 -30.72 2.70 -6.37
C HIS B 185 -31.72 3.15 -5.32
N LEU B 186 -33.01 3.05 -5.67
CA LEU B 186 -34.06 3.60 -4.82
C LEU B 186 -34.18 2.83 -3.50
N GLU B 187 -34.12 1.50 -3.56
CA GLU B 187 -34.33 0.74 -2.32
C GLU B 187 -33.24 1.03 -1.30
N VAL B 188 -31.99 1.12 -1.76
CA VAL B 188 -30.89 1.44 -0.85
C VAL B 188 -31.00 2.89 -0.35
N THR B 189 -31.40 3.82 -1.22
CA THR B 189 -31.62 5.21 -0.80
C THR B 189 -32.62 5.28 0.34
N LYS B 190 -33.75 4.61 0.17
CA LYS B 190 -34.79 4.60 1.19
C LYS B 190 -34.26 4.02 2.49
N TYR B 191 -33.55 2.89 2.39
CA TYR B 191 -33.06 2.26 3.61
C TYR B 191 -32.05 3.16 4.33
N LEU B 192 -31.12 3.76 3.58
CA LEU B 192 -30.14 4.64 4.20
C LEU B 192 -30.82 5.77 4.96
N VAL B 193 -31.79 6.43 4.33
CA VAL B 193 -32.43 7.59 4.94
C VAL B 193 -33.37 7.17 6.05
N GLN B 194 -34.13 6.10 5.85
CA GLN B 194 -35.21 5.78 6.78
C GLN B 194 -34.76 4.96 7.98
N GLU B 195 -33.68 4.19 7.83
CA GLU B 195 -33.24 3.25 8.85
C GLU B 195 -31.86 3.58 9.39
N CYS B 196 -30.97 4.15 8.57
CA CYS B 196 -29.56 4.24 8.92
C CYS B 196 -29.14 5.64 9.34
N SER B 197 -30.08 6.58 9.44
CA SER B 197 -29.79 7.97 9.79
C SER B 197 -28.86 8.64 8.78
N ALA B 198 -28.95 8.24 7.51
CA ALA B 198 -28.16 8.93 6.49
C ALA B 198 -28.65 10.36 6.32
N ASP B 199 -27.70 11.31 6.26
CA ASP B 199 -27.99 12.72 6.11
C ASP B 199 -28.11 13.06 4.62
N PRO B 200 -29.30 13.39 4.11
CA PRO B 200 -29.43 13.73 2.69
C PRO B 200 -28.96 15.14 2.35
N HIS B 201 -28.56 15.93 3.34
CA HIS B 201 -28.07 17.29 3.07
C HIS B 201 -26.55 17.37 3.06
N LEU B 202 -25.84 16.27 3.30
CA LEU B 202 -24.38 16.29 3.34
C LEU B 202 -23.86 16.30 1.91
N ARG B 203 -23.15 17.38 1.53
CA ARG B 203 -22.80 17.61 0.14
C ARG B 203 -21.41 17.11 -0.20
N ALA B 204 -21.21 16.85 -1.50
CA ALA B 204 -19.88 16.59 -2.03
C ALA B 204 -19.05 17.87 -2.03
N GLN B 205 -17.77 17.74 -2.39
CA GLN B 205 -16.86 18.87 -2.34
C GLN B 205 -17.26 20.00 -3.28
N ASP B 206 -18.06 19.72 -4.31
CA ASP B 206 -18.50 20.76 -5.21
C ASP B 206 -19.85 21.35 -4.82
N GLY B 207 -20.38 20.97 -3.66
CA GLY B 207 -21.66 21.46 -3.20
C GLY B 207 -22.85 20.67 -3.64
N MET B 208 -22.66 19.63 -4.48
CA MET B 208 -23.80 18.84 -4.95
C MET B 208 -24.36 17.96 -3.85
N THR B 209 -25.69 17.92 -3.76
CA THR B 209 -26.38 17.01 -2.85
C THR B 209 -26.74 15.72 -3.56
N PRO B 210 -27.14 14.69 -2.80
CA PRO B 210 -27.68 13.48 -3.44
C PRO B 210 -28.80 13.76 -4.45
N LEU B 211 -29.63 14.76 -4.17
CA LEU B 211 -30.69 15.12 -5.11
C LEU B 211 -30.13 15.66 -6.42
N HIS B 212 -29.09 16.51 -6.34
CA HIS B 212 -28.40 16.94 -7.56
C HIS B 212 -27.88 15.76 -8.35
N ALA B 213 -27.29 14.77 -7.67
CA ALA B 213 -26.74 13.61 -8.38
C ALA B 213 -27.84 12.82 -9.07
N ALA B 214 -28.99 12.64 -8.41
CA ALA B 214 -30.08 11.91 -9.04
C ALA B 214 -30.59 12.66 -10.27
N ALA B 215 -30.65 13.99 -10.20
CA ALA B 215 -31.11 14.76 -11.36
C ALA B 215 -30.08 14.71 -12.49
N GLN B 216 -28.81 14.84 -12.13
CA GLN B 216 -27.72 14.79 -13.11
C GLN B 216 -27.76 13.49 -13.88
N MET B 217 -28.09 12.38 -13.21
CA MET B 217 -28.09 11.06 -13.83
CA MET B 217 -28.09 11.06 -13.83
C MET B 217 -29.46 10.62 -14.29
N GLY B 218 -30.49 11.43 -14.13
CA GLY B 218 -31.80 11.15 -14.69
C GLY B 218 -32.63 10.15 -13.93
N HIS B 219 -32.37 9.97 -12.63
CA HIS B 219 -33.10 8.97 -11.85
C HIS B 219 -34.29 9.65 -11.16
N ASN B 220 -35.37 9.83 -11.93
CA ASN B 220 -36.52 10.51 -11.37
C ASN B 220 -37.13 9.80 -10.16
N PRO B 221 -37.22 8.46 -10.11
CA PRO B 221 -37.83 7.86 -8.90
C PRO B 221 -37.09 8.23 -7.62
N VAL B 222 -35.75 8.31 -7.67
CA VAL B 222 -34.97 8.71 -6.51
C VAL B 222 -35.25 10.17 -6.17
N LEU B 223 -35.26 11.05 -7.18
CA LEU B 223 -35.51 12.45 -6.92
C LEU B 223 -36.89 12.67 -6.32
N VAL B 224 -37.92 12.03 -6.90
CA VAL B 224 -39.27 12.18 -6.39
C VAL B 224 -39.37 11.71 -4.94
N TRP B 225 -38.73 10.58 -4.62
CA TRP B 225 -38.80 10.08 -3.25
C TRP B 225 -38.11 11.03 -2.29
N LEU B 226 -36.94 11.55 -2.67
CA LEU B 226 -36.24 12.49 -1.79
C LEU B 226 -37.10 13.72 -1.51
N VAL B 227 -37.72 14.28 -2.55
CA VAL B 227 -38.53 15.47 -2.34
C VAL B 227 -39.79 15.14 -1.55
N SER B 228 -40.42 14.02 -1.87
CA SER B 228 -41.77 13.76 -1.34
C SER B 228 -41.76 13.07 0.00
N PHE B 229 -40.72 12.30 0.32
CA PHE B 229 -40.70 11.52 1.55
C PHE B 229 -39.49 11.75 2.44
N ALA B 230 -38.45 12.44 1.96
CA ALA B 230 -37.29 12.73 2.78
C ALA B 230 -37.17 14.21 3.09
N ASP B 231 -38.16 15.02 2.70
CA ASP B 231 -38.20 16.46 2.99
C ASP B 231 -36.98 17.19 2.45
N VAL B 232 -36.51 16.78 1.28
CA VAL B 232 -35.42 17.48 0.62
C VAL B 232 -36.00 18.53 -0.32
N SER B 233 -35.47 19.75 -0.25
CA SER B 233 -35.93 20.83 -1.13
C SER B 233 -35.30 20.70 -2.50
N PHE B 234 -36.12 20.81 -3.55
CA PHE B 234 -35.53 20.75 -4.88
C PHE B 234 -34.89 22.07 -5.30
N SER B 235 -34.75 23.04 -4.40
CA SER B 235 -34.14 24.32 -4.71
CA SER B 235 -34.14 24.33 -4.70
C SER B 235 -32.71 24.45 -4.19
N GLU B 236 -32.14 23.40 -3.60
CA GLU B 236 -30.79 23.49 -3.06
C GLU B 236 -29.79 23.76 -4.17
N GLN B 237 -28.75 24.52 -3.86
CA GLN B 237 -27.77 24.93 -4.86
C GLN B 237 -26.39 24.33 -4.57
N ASP B 238 -25.63 24.02 -5.62
CA ASP B 238 -24.25 23.61 -5.42
C ASP B 238 -23.39 24.87 -5.27
N HIS B 239 -22.06 24.71 -5.28
CA HIS B 239 -21.18 25.85 -5.08
C HIS B 239 -21.20 26.83 -6.24
N ASP B 240 -21.74 26.44 -7.40
CA ASP B 240 -21.93 27.36 -8.52
C ASP B 240 -23.32 27.98 -8.54
N GLY B 241 -24.14 27.69 -7.55
CA GLY B 241 -25.52 28.12 -7.55
C GLY B 241 -26.45 27.28 -8.41
N ALA B 242 -26.00 26.12 -8.88
CA ALA B 242 -26.82 25.29 -9.74
C ALA B 242 -27.81 24.46 -8.93
N THR B 243 -29.02 24.34 -9.45
CA THR B 243 -30.08 23.51 -8.89
C THR B 243 -30.17 22.18 -9.63
N ALA B 244 -30.99 21.28 -9.07
CA ALA B 244 -31.26 20.02 -9.75
C ALA B 244 -31.76 20.26 -11.18
N MET B 245 -32.55 21.32 -11.37
CA MET B 245 -33.09 21.60 -12.70
C MET B 245 -31.98 21.90 -13.70
N HIS B 246 -30.94 22.61 -13.26
CA HIS B 246 -29.79 22.86 -14.13
C HIS B 246 -29.15 21.55 -14.58
N PHE B 247 -28.94 20.63 -13.63
CA PHE B 247 -28.26 19.39 -13.99
C PHE B 247 -29.11 18.55 -14.92
N ALA B 248 -30.41 18.44 -14.64
CA ALA B 248 -31.29 17.67 -15.52
C ALA B 248 -31.31 18.25 -16.93
N ALA B 249 -31.43 19.57 -17.03
CA ALA B 249 -31.45 20.20 -18.34
C ALA B 249 -30.14 20.01 -19.10
N SER B 250 -29.00 20.09 -18.39
CA SER B 250 -27.71 19.99 -19.06
CA SER B 250 -27.69 19.98 -19.03
C SER B 250 -27.50 18.62 -19.69
N ARG B 251 -28.16 17.59 -19.17
CA ARG B 251 -27.95 16.24 -19.65
C ARG B 251 -29.17 15.64 -20.32
N GLY B 252 -30.17 16.46 -20.64
CA GLY B 252 -31.29 15.99 -21.44
C GLY B 252 -32.27 15.10 -20.73
N HIS B 253 -32.36 15.19 -19.41
CA HIS B 253 -33.23 14.30 -18.64
C HIS B 253 -34.60 14.95 -18.55
N THR B 254 -35.37 14.75 -19.63
CA THR B 254 -36.64 15.44 -19.78
C THR B 254 -37.64 15.07 -18.69
N LYS B 255 -37.63 13.82 -18.24
CA LYS B 255 -38.61 13.40 -17.23
C LYS B 255 -38.36 14.09 -15.91
N VAL B 256 -37.09 14.18 -15.48
CA VAL B 256 -36.76 14.93 -14.28
C VAL B 256 -37.12 16.39 -14.43
N LEU B 257 -36.71 16.99 -15.56
CA LEU B 257 -36.98 18.40 -15.80
C LEU B 257 -38.48 18.69 -15.76
N SER B 258 -39.27 17.85 -16.44
CA SER B 258 -40.72 18.06 -16.45
C SER B 258 -41.31 17.92 -15.05
N TRP B 259 -40.81 16.97 -14.27
CA TRP B 259 -41.39 16.75 -12.94
C TRP B 259 -41.10 17.95 -12.04
N LEU B 260 -39.85 18.42 -12.05
CA LEU B 260 -39.47 19.59 -11.29
C LEU B 260 -40.33 20.80 -11.65
N LEU B 261 -40.49 21.06 -12.95
CA LEU B 261 -41.28 22.21 -13.37
C LEU B 261 -42.73 22.08 -12.95
N LEU B 262 -43.33 20.90 -13.18
CA LEU B 262 -44.71 20.68 -12.80
C LEU B 262 -44.93 20.91 -11.31
N HIS B 263 -43.93 20.60 -10.49
CA HIS B 263 -44.07 20.71 -9.05
C HIS B 263 -43.58 22.05 -8.50
N GLY B 264 -43.35 23.02 -9.36
CA GLY B 264 -43.13 24.38 -8.91
C GLY B 264 -41.69 24.80 -8.71
N ALA B 265 -40.73 23.98 -9.12
CA ALA B 265 -39.33 24.39 -9.00
C ALA B 265 -39.07 25.61 -9.88
N GLU B 266 -38.31 26.55 -9.35
CA GLU B 266 -38.09 27.81 -10.06
C GLU B 266 -37.00 27.64 -11.12
N ILE B 267 -37.12 28.44 -12.18
CA ILE B 267 -36.14 28.47 -13.26
C ILE B 267 -35.18 29.60 -12.90
N SER B 268 -34.15 29.27 -12.14
CA SER B 268 -33.32 30.26 -11.47
CA SER B 268 -33.32 30.27 -11.47
C SER B 268 -31.95 30.39 -12.13
N GLN B 269 -31.34 31.56 -11.93
CA GLN B 269 -29.97 31.78 -12.39
C GLN B 269 -28.98 31.22 -11.39
N ASP B 270 -27.90 30.61 -11.89
CA ASP B 270 -26.81 30.21 -11.00
C ASP B 270 -25.93 31.42 -10.74
N LEU B 271 -24.79 31.21 -10.08
CA LEU B 271 -23.93 32.33 -9.69
C LEU B 271 -23.26 32.99 -10.88
N TRP B 272 -23.24 32.33 -12.03
CA TRP B 272 -22.73 32.88 -13.28
C TRP B 272 -23.83 33.48 -14.14
N GLY B 273 -25.07 33.48 -13.65
CA GLY B 273 -26.19 34.08 -14.35
C GLY B 273 -26.92 33.15 -15.27
N GLY B 274 -26.57 31.86 -15.29
CA GLY B 274 -27.16 30.93 -16.24
C GLY B 274 -28.35 30.23 -15.62
N THR B 275 -29.45 30.14 -16.39
CA THR B 275 -30.63 29.38 -16.00
C THR B 275 -30.52 27.96 -16.55
N PRO B 276 -31.43 27.07 -16.15
CA PRO B 276 -31.47 25.74 -16.79
C PRO B 276 -31.73 25.82 -18.29
N LEU B 277 -32.34 26.92 -18.78
CA LEU B 277 -32.48 27.06 -20.23
C LEU B 277 -31.12 27.32 -20.88
N HIS B 278 -30.25 28.11 -20.22
CA HIS B 278 -28.88 28.23 -20.71
C HIS B 278 -28.23 26.86 -20.80
N ASP B 279 -28.38 26.03 -19.75
CA ASP B 279 -27.77 24.71 -19.76
C ASP B 279 -28.32 23.83 -20.88
N ALA B 280 -29.63 23.87 -21.09
CA ALA B 280 -30.22 23.05 -22.16
C ALA B 280 -29.72 23.51 -23.51
N ALA B 281 -29.69 24.83 -23.74
CA ALA B 281 -29.33 25.36 -25.05
C ALA B 281 -27.86 25.14 -25.35
N GLU B 282 -27.00 25.35 -24.35
CA GLU B 282 -25.55 25.22 -24.56
C GLU B 282 -25.17 23.79 -24.91
N ASN B 283 -25.95 22.83 -24.43
CA ASN B 283 -25.69 21.42 -24.67
C ASN B 283 -26.56 20.82 -25.77
N GLY B 284 -27.33 21.64 -26.47
CA GLY B 284 -28.10 21.18 -27.61
C GLY B 284 -29.27 20.30 -27.26
N GLU B 285 -29.85 20.47 -26.08
CA GLU B 285 -30.93 19.59 -25.64
C GLU B 285 -32.25 20.24 -26.03
N LEU B 286 -32.68 19.95 -27.25
CA LEU B 286 -33.81 20.67 -27.83
C LEU B 286 -35.10 20.39 -27.07
N GLU B 287 -35.38 19.13 -26.78
CA GLU B 287 -36.62 18.83 -26.07
C GLU B 287 -36.64 19.53 -24.72
N CYS B 288 -35.48 19.60 -24.05
CA CYS B 288 -35.42 20.32 -22.78
C CYS B 288 -35.67 21.82 -22.97
N CYS B 289 -35.14 22.39 -24.06
CA CYS B 289 -35.46 23.79 -24.39
C CYS B 289 -36.95 23.99 -24.59
N GLN B 290 -37.60 23.08 -25.32
CA GLN B 290 -39.04 23.19 -25.52
C GLN B 290 -39.80 23.10 -24.20
N ILE B 291 -39.45 22.13 -23.36
CA ILE B 291 -40.13 21.98 -22.08
C ILE B 291 -40.00 23.24 -21.24
N LEU B 292 -38.79 23.82 -21.22
CA LEU B 292 -38.57 25.02 -20.43
C LEU B 292 -39.31 26.22 -21.02
N ALA B 293 -39.32 26.35 -22.35
CA ALA B 293 -39.98 27.48 -22.98
C ALA B 293 -41.48 27.45 -22.73
N VAL B 294 -42.10 26.28 -22.89
CA VAL B 294 -43.56 26.20 -22.73
C VAL B 294 -43.96 26.29 -21.27
N ASN B 295 -43.02 26.13 -20.34
CA ASN B 295 -43.28 26.31 -18.92
C ASN B 295 -42.85 27.70 -18.43
N GLY B 296 -42.63 28.63 -19.35
CA GLY B 296 -42.46 30.02 -18.98
C GLY B 296 -41.05 30.47 -18.71
N ALA B 297 -40.03 29.72 -19.12
CA ALA B 297 -38.67 30.19 -18.96
C ALA B 297 -38.50 31.54 -19.66
N GLY B 298 -37.77 32.45 -19.02
CA GLY B 298 -37.44 33.73 -19.60
C GLY B 298 -36.40 33.60 -20.69
N LEU B 299 -36.85 33.72 -21.94
CA LEU B 299 -35.94 33.48 -23.07
C LEU B 299 -34.83 34.50 -23.13
N ASP B 300 -35.08 35.73 -22.68
CA ASP B 300 -34.11 36.80 -22.80
C ASP B 300 -33.24 36.99 -21.56
N VAL B 301 -33.32 36.07 -20.58
CA VAL B 301 -32.45 36.17 -19.42
C VAL B 301 -31.01 36.01 -19.85
N ARG B 302 -30.14 36.89 -19.35
CA ARG B 302 -28.74 36.93 -19.76
C ARG B 302 -27.83 36.49 -18.63
N ASP B 303 -26.79 35.74 -18.97
CA ASP B 303 -25.80 35.38 -17.97
C ASP B 303 -24.86 36.57 -17.73
N HIS B 304 -23.82 36.37 -16.91
CA HIS B 304 -23.00 37.51 -16.52
CA HIS B 304 -22.96 37.47 -16.51
C HIS B 304 -22.17 38.07 -17.67
N ASP B 305 -22.02 37.34 -18.77
CA ASP B 305 -21.38 37.86 -19.98
C ASP B 305 -22.38 38.49 -20.94
N GLY B 306 -23.66 38.51 -20.58
CA GLY B 306 -24.70 39.06 -21.43
C GLY B 306 -25.32 38.06 -22.38
N TYR B 307 -24.95 36.78 -22.30
CA TYR B 307 -25.43 35.79 -23.27
C TYR B 307 -26.82 35.29 -22.91
N THR B 308 -27.69 35.25 -23.90
CA THR B 308 -28.94 34.52 -23.77
C THR B 308 -28.70 33.04 -24.02
N ALA B 309 -29.71 32.22 -23.69
CA ALA B 309 -29.61 30.80 -24.01
C ALA B 309 -29.42 30.58 -25.50
N ALA B 310 -30.14 31.34 -26.32
CA ALA B 310 -30.00 31.23 -27.77
C ALA B 310 -28.58 31.57 -28.22
N ASP B 311 -27.95 32.55 -27.59
CA ASP B 311 -26.54 32.85 -27.89
C ASP B 311 -25.66 31.63 -27.62
N LEU B 312 -25.86 30.96 -26.47
CA LEU B 312 -25.00 29.84 -26.14
C LEU B 312 -25.23 28.68 -27.10
N ALA B 313 -26.48 28.44 -27.51
CA ALA B 313 -26.71 27.44 -28.54
C ALA B 313 -25.94 27.77 -29.82
N GLU B 314 -25.98 29.04 -30.22
CA GLU B 314 -25.27 29.44 -31.44
C GLU B 314 -23.77 29.23 -31.32
N PHE B 315 -23.17 29.63 -30.18
CA PHE B 315 -21.73 29.44 -30.01
C PHE B 315 -21.33 27.97 -30.10
N ASN B 316 -22.22 27.08 -29.67
CA ASN B 316 -21.91 25.67 -29.63
C ASN B 316 -22.45 24.91 -30.83
N GLY B 317 -22.96 25.62 -31.83
CA GLY B 317 -23.39 24.98 -33.06
C GLY B 317 -24.71 24.24 -32.96
N HIS B 318 -25.54 24.55 -31.96
CA HIS B 318 -26.81 23.87 -31.80
C HIS B 318 -27.93 24.67 -32.48
N THR B 319 -27.90 24.60 -33.83
CA THR B 319 -28.77 25.42 -34.66
C THR B 319 -30.24 25.13 -34.40
N HIS B 320 -30.58 23.85 -34.16
CA HIS B 320 -31.96 23.51 -33.86
C HIS B 320 -32.45 24.25 -32.61
N CYS B 321 -31.61 24.31 -31.57
CA CYS B 321 -31.98 25.02 -30.35
C CYS B 321 -32.06 26.52 -30.56
N SER B 322 -31.05 27.11 -31.20
CA SER B 322 -31.07 28.55 -31.38
C SER B 322 -32.26 28.98 -32.25
N ARG B 323 -32.53 28.22 -33.32
CA ARG B 323 -33.67 28.55 -34.18
C ARG B 323 -34.98 28.51 -33.43
N TYR B 324 -35.20 27.43 -32.65
CA TYR B 324 -36.40 27.33 -31.84
C TYR B 324 -36.55 28.51 -30.90
N LEU B 325 -35.49 28.82 -30.13
CA LEU B 325 -35.59 29.85 -29.11
C LEU B 325 -35.81 31.22 -29.71
N ARG B 326 -35.14 31.53 -30.83
CA ARG B 326 -35.35 32.82 -31.46
C ARG B 326 -36.69 32.90 -32.14
N THR B 327 -37.28 31.76 -32.51
CA THR B 327 -38.63 31.74 -33.08
C THR B 327 -39.68 31.93 -32.01
N VAL B 328 -39.48 31.33 -30.82
CA VAL B 328 -40.44 31.49 -29.73
C VAL B 328 -40.42 32.92 -29.21
N GLN B 329 -39.23 33.53 -29.15
CA GLN B 329 -39.13 34.89 -28.64
C GLN B 329 -39.92 35.90 -29.48
N THR B 330 -40.21 35.58 -30.74
CA THR B 330 -41.00 36.48 -31.57
C THR B 330 -42.45 36.55 -31.09
N LEU B 331 -43.05 35.40 -30.76
CA LEU B 331 -44.46 35.33 -30.41
C LEU B 331 -44.82 36.18 -29.19
N ARG C 7 27.27 -5.19 -11.00
CA ARG C 7 27.01 -6.49 -10.39
C ARG C 7 27.29 -6.49 -8.89
N ARG C 8 28.56 -6.71 -8.54
CA ARG C 8 28.89 -6.96 -7.15
C ARG C 8 28.52 -5.78 -6.25
N ARG C 9 28.75 -4.54 -6.72
CA ARG C 9 28.41 -3.38 -5.91
C ARG C 9 26.91 -3.30 -5.62
N CYS C 10 26.08 -3.74 -6.58
CA CYS C 10 24.64 -3.67 -6.41
C CYS C 10 24.09 -4.73 -5.47
N GLN C 11 24.90 -5.71 -5.07
CA GLN C 11 24.42 -6.68 -4.11
C GLN C 11 24.14 -5.96 -2.79
N GLN C 12 22.95 -6.13 -2.29
CA GLN C 12 22.53 -5.44 -1.09
C GLN C 12 22.92 -6.25 0.14
N PRO C 13 23.07 -5.59 1.29
CA PRO C 13 23.29 -6.33 2.53
C PRO C 13 22.11 -7.24 2.83
N LYS C 14 22.35 -8.25 3.65
CA LYS C 14 21.26 -9.11 4.09
C LYS C 14 20.35 -8.34 5.03
N MET C 15 19.07 -8.31 4.69
CA MET C 15 18.08 -7.60 5.47
C MET C 15 17.17 -8.60 6.17
N LEU C 16 16.71 -8.21 7.35
CA LEU C 16 15.83 -9.05 8.15
C LEU C 16 14.35 -8.78 7.92
N SER C 17 14.01 -7.61 7.36
CA SER C 17 12.62 -7.28 7.06
C SER C 17 12.51 -6.78 5.63
N SER C 18 11.27 -6.62 5.18
CA SER C 18 11.02 -6.05 3.87
C SER C 18 11.32 -4.56 3.87
N PRO C 19 11.58 -3.99 2.68
CA PRO C 19 11.77 -2.53 2.62
C PRO C 19 10.55 -1.75 3.07
N GLU C 20 9.35 -2.24 2.77
CA GLU C 20 8.13 -1.56 3.20
C GLU C 20 8.05 -1.53 4.73
N ASP C 21 8.49 -2.62 5.36
CA ASP C 21 8.52 -2.67 6.81
CA ASP C 21 8.55 -2.70 6.83
C ASP C 21 9.55 -1.69 7.38
N THR C 22 10.74 -1.66 6.79
CA THR C 22 11.77 -0.74 7.27
C THR C 22 11.32 0.71 7.11
N MET C 23 10.68 1.02 5.99
CA MET C 23 10.15 2.36 5.78
C MET C 23 9.20 2.73 6.92
N TYR C 24 8.26 1.84 7.24
CA TYR C 24 7.27 2.15 8.27
C TYR C 24 7.95 2.39 9.62
N TYR C 25 8.80 1.46 10.06
CA TYR C 25 9.38 1.63 11.40
C TYR C 25 10.35 2.79 11.43
N ASN C 26 10.99 3.11 10.30
CA ASN C 26 11.87 4.27 10.28
C ASN C 26 11.09 5.59 10.36
N GLN C 27 9.83 5.63 9.93
CA GLN C 27 9.11 6.90 9.97
C GLN C 27 8.35 7.11 11.28
N LEU C 28 8.63 6.31 12.30
CA LEU C 28 8.03 6.54 13.61
C LEU C 28 8.69 7.68 14.36
N ASN C 29 9.92 8.03 14.02
CA ASN C 29 10.65 9.07 14.76
C ASN C 29 10.49 10.43 14.10
N ARG D 7 -19.60 23.16 -19.69
CA ARG D 7 -19.07 22.84 -18.37
C ARG D 7 -19.94 21.83 -17.64
N ARG D 8 -21.19 22.21 -17.36
CA ARG D 8 -22.01 21.43 -16.44
C ARG D 8 -22.27 20.02 -16.95
N ARG D 9 -22.59 19.89 -18.24
CA ARG D 9 -22.83 18.56 -18.80
C ARG D 9 -21.58 17.69 -18.72
N CYS D 10 -20.40 18.30 -18.81
CA CYS D 10 -19.15 17.56 -18.80
C CYS D 10 -18.68 17.17 -17.41
N GLN D 11 -19.31 17.68 -16.34
CA GLN D 11 -19.02 17.18 -15.00
C GLN D 11 -19.38 15.69 -14.95
N GLN D 12 -18.41 14.85 -14.59
CA GLN D 12 -18.66 13.41 -14.64
C GLN D 12 -19.20 12.91 -13.33
N PRO D 13 -19.87 11.74 -13.32
CA PRO D 13 -20.31 11.16 -12.06
C PRO D 13 -19.12 10.88 -11.15
N LYS D 14 -19.35 10.95 -9.84
CA LYS D 14 -18.30 10.66 -8.88
C LYS D 14 -17.96 9.18 -8.91
N MET D 15 -16.67 8.86 -9.02
CA MET D 15 -16.20 7.48 -9.11
CA MET D 15 -16.25 7.47 -9.09
C MET D 15 -15.48 7.09 -7.84
N LEU D 16 -15.63 5.82 -7.43
CA LEU D 16 -14.90 5.33 -6.26
C LEU D 16 -13.52 4.82 -6.60
N SER D 17 -13.30 4.34 -7.82
CA SER D 17 -12.00 3.83 -8.22
C SER D 17 -11.56 4.43 -9.55
N SER D 18 -10.30 4.20 -9.86
CA SER D 18 -9.74 4.64 -11.12
C SER D 18 -10.35 3.85 -12.27
N PRO D 19 -10.34 4.42 -13.48
CA PRO D 19 -10.76 3.65 -14.65
C PRO D 19 -9.95 2.37 -14.85
N GLU D 20 -8.66 2.39 -14.57
CA GLU D 20 -7.86 1.17 -14.71
C GLU D 20 -8.39 0.05 -13.81
N ASP D 21 -8.69 0.38 -12.55
CA ASP D 21 -9.21 -0.63 -11.63
C ASP D 21 -10.57 -1.12 -12.08
N THR D 22 -11.42 -0.21 -12.54
CA THR D 22 -12.72 -0.62 -13.04
C THR D 22 -12.59 -1.60 -14.18
N MET D 23 -11.71 -1.32 -15.14
CA MET D 23 -11.52 -2.24 -16.25
CA MET D 23 -11.48 -2.23 -16.26
C MET D 23 -10.98 -3.58 -15.78
N TYR D 24 -10.01 -3.58 -14.87
CA TYR D 24 -9.44 -4.84 -14.39
C TYR D 24 -10.50 -5.71 -13.73
N TYR D 25 -11.17 -5.17 -12.71
CA TYR D 25 -12.08 -6.00 -11.93
C TYR D 25 -13.35 -6.35 -12.72
N ASN D 26 -13.82 -5.46 -13.59
CA ASN D 26 -15.01 -5.77 -14.38
C ASN D 26 -14.73 -6.85 -15.44
N GLN D 27 -13.48 -7.04 -15.84
CA GLN D 27 -13.14 -8.03 -16.85
C GLN D 27 -12.89 -9.40 -16.25
N LEU D 28 -12.99 -9.55 -14.94
CA LEU D 28 -12.80 -10.87 -14.34
C LEU D 28 -13.92 -11.83 -14.69
N ASN D 29 -15.09 -11.32 -15.03
CA ASN D 29 -16.25 -12.12 -15.45
C ASN D 29 -16.70 -13.08 -14.35
C1 GOL E . 10.81 -19.14 25.63
O1 GOL E . 10.62 -17.75 25.49
C2 GOL E . 11.32 -19.72 24.33
O2 GOL E . 12.71 -19.50 24.26
C3 GOL E . 11.03 -21.22 24.21
O3 GOL E . 9.68 -21.46 23.83
C1 GOL F . 8.07 -16.11 33.74
O1 GOL F . 7.85 -17.36 33.12
C2 GOL F . 8.67 -15.17 32.71
O2 GOL F . 10.06 -15.16 32.89
C3 GOL F . 8.12 -13.75 32.83
O3 GOL F . 8.20 -13.13 31.56
C1 GOL G . 41.45 -9.71 23.17
O1 GOL G . 40.59 -10.72 23.65
C2 GOL G . 41.66 -9.93 21.68
O2 GOL G . 40.85 -10.99 21.21
C3 GOL G . 41.35 -8.63 20.94
O3 GOL G . 42.27 -7.64 21.37
C1 GOL H . -15.54 -0.59 13.40
O1 GOL H . -16.76 -0.96 14.02
C2 GOL H . -14.63 -1.81 13.26
O2 GOL H . -15.23 -2.96 13.80
C3 GOL H . -14.30 -2.04 11.80
O3 GOL H . -13.94 -3.39 11.60
C1 GOL I . 16.14 -4.92 8.81
O1 GOL I . 15.99 -5.13 7.41
C2 GOL I . 17.60 -4.70 9.17
O2 GOL I . 17.69 -4.41 10.56
C3 GOL I . 18.39 -5.97 8.86
O3 GOL I . 19.78 -5.74 8.75
#